data_3T5C
#
_entry.id   3T5C
#
_cell.length_a   129.228
_cell.length_b   91.983
_cell.length_c   84.412
_cell.angle_alpha   90.00
_cell.angle_beta   130.79
_cell.angle_gamma   90.00
#
_symmetry.space_group_name_H-M   'C 1 2 1'
#
loop_
_entity.id
_entity.type
_entity.pdbx_description
1 polymer 'PROBABLE CHAIN-FATTY-ACID-CoA LIGASE FADD13'
2 water water
#
_entity_poly.entity_id   1
_entity_poly.type   'polypeptide(L)'
_entity_poly.pdbx_seq_one_letter_code
;MKNIGWMLRQRATVSPRLQAYVEPSTDVRMTYAQMNALANRCADVLTALGIAKGDRVALLMPNSVEFCCLFYGAAKLGAV
AVPINTRLAAPEVSFILSDSGSKVVIYGAPSAPVIDAIRAQADPPGTVTDWIGADSLAERLRSAAADEPAVECGGDDNLF
IMYTSGTTGHPKGVVHTHESVHSAASSWASTIDVRYRDRLLLPLPMFHVAALTTVIFSAMRGVTLISMPQFDATKVWSLI
VEERVCIGGAVPAILNFMRQVPEFAELDAPDFRYFITGGAPMPEALIKIYAAKNIEVVQGYALTESCGGGTLLLSEDALR
KAGSAGRATMFTDVAVRGDDGVIREHGEGEVVIKSDILLKEYWNRPEATRDAFDNGWFRTGDIGEIDDEGYLYIKD
;
_entity_poly.pdbx_strand_id   A,B
#
# COMPACT_ATOMS: atom_id res chain seq x y z
N MET A 1 12.69 -6.78 0.54
CA MET A 1 11.72 -7.26 -0.48
C MET A 1 10.43 -7.68 0.21
N LYS A 2 9.35 -7.73 -0.56
CA LYS A 2 8.05 -8.11 -0.03
C LYS A 2 7.78 -9.59 -0.20
N ASN A 3 7.00 -10.15 0.71
CA ASN A 3 6.63 -11.55 0.63
C ASN A 3 5.16 -11.61 1.03
N ILE A 4 4.34 -12.14 0.14
CA ILE A 4 2.90 -12.21 0.39
C ILE A 4 2.59 -13.04 1.62
N GLY A 5 3.39 -14.06 1.88
CA GLY A 5 3.17 -14.90 3.05
C GLY A 5 3.53 -14.13 4.32
N TRP A 6 4.64 -13.41 4.31
CA TRP A 6 5.04 -12.62 5.47
C TRP A 6 3.92 -11.61 5.80
N MET A 7 3.35 -11.01 4.76
CA MET A 7 2.28 -10.04 4.96
C MET A 7 1.13 -10.60 5.81
N LEU A 8 0.81 -11.88 5.59
CA LEU A 8 -0.25 -12.54 6.36
C LEU A 8 0.22 -12.57 7.82
N ARG A 9 1.50 -12.90 8.02
CA ARG A 9 2.06 -12.96 9.37
C ARG A 9 1.96 -11.60 10.02
N GLN A 10 2.38 -10.57 9.29
CA GLN A 10 2.35 -9.21 9.82
C GLN A 10 0.92 -8.79 10.18
N ARG A 11 -0.07 -9.24 9.42
CA ARG A 11 -1.47 -8.91 9.72
C ARG A 11 -1.89 -9.64 10.98
N ALA A 12 -1.44 -10.88 11.14
CA ALA A 12 -1.75 -11.68 12.33
C ALA A 12 -1.06 -11.05 13.55
N THR A 13 0.02 -10.32 13.31
CA THR A 13 0.79 -9.67 14.37
C THR A 13 0.12 -8.36 14.79
N VAL A 14 -0.33 -7.60 13.80
CA VAL A 14 -1.00 -6.32 14.04
C VAL A 14 -2.43 -6.51 14.54
N SER A 15 -3.18 -7.42 13.91
CA SER A 15 -4.58 -7.69 14.24
C SER A 15 -4.88 -9.17 14.50
N PRO A 16 -4.22 -9.77 15.50
CA PRO A 16 -4.46 -11.19 15.81
C PRO A 16 -5.90 -11.63 16.08
N ARG A 17 -6.68 -10.81 16.78
CA ARG A 17 -8.05 -11.18 17.11
C ARG A 17 -9.10 -10.77 16.08
N LEU A 18 -8.69 -10.02 15.07
CA LEU A 18 -9.62 -9.58 14.03
C LEU A 18 -10.05 -10.77 13.18
N GLN A 19 -11.34 -10.85 12.86
CA GLN A 19 -11.83 -11.95 12.02
C GLN A 19 -11.19 -11.80 10.64
N ALA A 20 -10.80 -12.91 10.05
CA ALA A 20 -10.17 -12.88 8.73
C ALA A 20 -10.98 -13.63 7.69
N TYR A 21 -11.56 -14.74 8.11
CA TYR A 21 -12.32 -15.57 7.20
C TYR A 21 -13.60 -16.07 7.86
N VAL A 22 -14.73 -15.72 7.29
CA VAL A 22 -16.03 -16.12 7.82
C VAL A 22 -16.86 -16.76 6.71
N GLU A 23 -17.19 -18.04 6.90
CA GLU A 23 -17.98 -18.80 5.92
C GLU A 23 -19.13 -19.49 6.64
N PRO A 24 -20.25 -18.78 6.86
CA PRO A 24 -21.43 -19.32 7.54
C PRO A 24 -21.90 -20.69 7.05
N SER A 25 -22.00 -20.84 5.73
CA SER A 25 -22.45 -22.08 5.12
C SER A 25 -21.67 -23.28 5.63
N THR A 26 -20.44 -23.05 6.05
CA THR A 26 -19.59 -24.13 6.53
C THR A 26 -19.22 -24.03 8.01
N ASP A 27 -19.77 -23.03 8.69
CA ASP A 27 -19.50 -22.83 10.11
C ASP A 27 -18.04 -22.47 10.39
N VAL A 28 -17.39 -21.86 9.41
CA VAL A 28 -16.00 -21.47 9.57
C VAL A 28 -15.89 -19.98 9.88
N ARG A 29 -15.26 -19.68 11.01
CA ARG A 29 -15.06 -18.31 11.46
C ARG A 29 -13.68 -18.24 12.11
N MET A 30 -12.73 -17.63 11.41
CA MET A 30 -11.38 -17.54 11.90
C MET A 30 -10.76 -16.14 11.96
N THR A 31 -9.94 -15.94 12.99
CA THR A 31 -9.25 -14.68 13.18
C THR A 31 -7.98 -14.75 12.33
N TYR A 32 -7.27 -13.63 12.23
CA TYR A 32 -6.03 -13.60 11.45
C TYR A 32 -4.95 -14.46 12.09
N ALA A 33 -4.95 -14.52 13.42
CA ALA A 33 -3.96 -15.32 14.13
C ALA A 33 -4.14 -16.79 13.76
N GLN A 34 -5.38 -17.24 13.74
CA GLN A 34 -5.69 -18.64 13.40
C GLN A 34 -5.44 -18.96 11.93
N MET A 35 -5.76 -18.03 11.04
CA MET A 35 -5.58 -18.23 9.61
C MET A 35 -4.08 -18.25 9.27
N ASN A 36 -3.28 -17.49 10.01
CA ASN A 36 -1.84 -17.47 9.78
C ASN A 36 -1.25 -18.79 10.29
N ALA A 37 -1.83 -19.33 11.35
CA ALA A 37 -1.35 -20.60 11.89
C ALA A 37 -1.68 -21.71 10.90
N LEU A 38 -2.87 -21.65 10.31
CA LEU A 38 -3.31 -22.66 9.35
C LEU A 38 -2.43 -22.58 8.10
N ALA A 39 -1.99 -21.37 7.77
CA ALA A 39 -1.12 -21.14 6.63
C ALA A 39 0.23 -21.81 6.89
N ASN A 40 0.71 -21.71 8.13
CA ASN A 40 1.98 -22.32 8.50
C ASN A 40 1.91 -23.84 8.46
N ARG A 41 0.76 -24.39 8.81
CA ARG A 41 0.59 -25.84 8.77
C ARG A 41 0.51 -26.28 7.31
N CYS A 42 -0.05 -25.43 6.46
CA CYS A 42 -0.14 -25.74 5.04
C CYS A 42 1.25 -25.79 4.44
N ALA A 43 2.11 -24.88 4.88
CA ALA A 43 3.49 -24.83 4.40
C ALA A 43 4.26 -26.05 4.91
N ASP A 44 4.00 -26.43 6.16
CA ASP A 44 4.68 -27.58 6.74
C ASP A 44 4.26 -28.85 6.02
N VAL A 45 3.00 -28.88 5.59
CA VAL A 45 2.49 -30.04 4.87
C VAL A 45 3.09 -30.11 3.47
N LEU A 46 3.17 -28.97 2.79
CA LEU A 46 3.75 -28.92 1.45
C LEU A 46 5.21 -29.35 1.48
N THR A 47 5.95 -28.86 2.46
CA THR A 47 7.36 -29.18 2.62
C THR A 47 7.55 -30.69 2.80
N ALA A 48 6.64 -31.32 3.54
CA ALA A 48 6.71 -32.76 3.78
C ALA A 48 6.42 -33.57 2.52
N LEU A 49 5.67 -32.98 1.59
CA LEU A 49 5.36 -33.62 0.32
C LEU A 49 6.50 -33.46 -0.67
N GLY A 50 7.53 -32.71 -0.27
CA GLY A 50 8.67 -32.50 -1.16
C GLY A 50 8.73 -31.18 -1.90
N ILE A 51 7.82 -30.26 -1.56
CA ILE A 51 7.81 -28.95 -2.20
C ILE A 51 8.93 -28.06 -1.69
N ALA A 52 9.70 -27.49 -2.62
CA ALA A 52 10.81 -26.59 -2.27
C ALA A 52 10.62 -25.30 -3.03
N LYS A 53 11.40 -24.27 -2.68
CA LYS A 53 11.30 -22.99 -3.36
C LYS A 53 11.31 -23.16 -4.87
N GLY A 54 10.32 -22.56 -5.55
CA GLY A 54 10.26 -22.67 -7.00
C GLY A 54 9.37 -23.78 -7.53
N ASP A 55 9.14 -24.82 -6.72
CA ASP A 55 8.28 -25.93 -7.13
C ASP A 55 6.83 -25.44 -7.23
N ARG A 56 6.07 -26.05 -8.12
CA ARG A 56 4.67 -25.68 -8.31
C ARG A 56 3.68 -26.60 -7.62
N VAL A 57 2.68 -26.00 -7.00
CA VAL A 57 1.62 -26.73 -6.33
C VAL A 57 0.30 -26.35 -7.00
N ALA A 58 -0.37 -27.31 -7.61
CA ALA A 58 -1.63 -27.05 -8.28
C ALA A 58 -2.79 -27.07 -7.30
N LEU A 59 -3.66 -26.06 -7.37
CA LEU A 59 -4.82 -25.98 -6.50
C LEU A 59 -6.07 -26.12 -7.34
N LEU A 60 -6.77 -27.24 -7.17
CA LEU A 60 -7.99 -27.53 -7.91
C LEU A 60 -9.04 -27.86 -6.86
N MET A 61 -9.61 -26.84 -6.24
CA MET A 61 -10.57 -27.07 -5.17
C MET A 61 -11.57 -25.92 -4.96
N PRO A 62 -12.64 -26.19 -4.19
CA PRO A 62 -13.66 -25.18 -3.91
C PRO A 62 -13.10 -24.08 -3.01
N ASN A 63 -13.75 -22.91 -3.00
CA ASN A 63 -13.31 -21.81 -2.15
C ASN A 63 -13.32 -22.31 -0.70
N SER A 64 -12.31 -21.93 0.07
CA SER A 64 -12.22 -22.35 1.47
C SER A 64 -11.01 -21.70 2.12
N VAL A 65 -10.92 -21.79 3.44
CA VAL A 65 -9.79 -21.21 4.16
C VAL A 65 -8.53 -21.94 3.74
N GLU A 66 -8.67 -23.23 3.48
CA GLU A 66 -7.56 -24.07 3.07
C GLU A 66 -6.98 -23.60 1.73
N PHE A 67 -7.87 -23.24 0.80
CA PHE A 67 -7.44 -22.76 -0.51
C PHE A 67 -6.55 -21.54 -0.28
N CYS A 68 -7.02 -20.63 0.54
CA CYS A 68 -6.27 -19.41 0.84
C CYS A 68 -4.96 -19.68 1.56
N CYS A 69 -5.04 -20.46 2.63
CA CYS A 69 -3.86 -20.78 3.43
C CYS A 69 -2.82 -21.60 2.67
N LEU A 70 -3.28 -22.45 1.75
CA LEU A 70 -2.35 -23.24 0.97
C LEU A 70 -1.49 -22.32 0.14
N PHE A 71 -2.08 -21.29 -0.47
CA PHE A 71 -1.28 -20.39 -1.28
C PHE A 71 -0.46 -19.42 -0.42
N TYR A 72 -0.95 -19.08 0.77
CA TYR A 72 -0.17 -18.23 1.67
C TYR A 72 1.01 -19.06 2.19
N GLY A 73 0.77 -20.33 2.48
CA GLY A 73 1.83 -21.21 2.96
C GLY A 73 2.89 -21.41 1.88
N ALA A 74 2.44 -21.50 0.63
CA ALA A 74 3.36 -21.66 -0.49
C ALA A 74 4.17 -20.37 -0.60
N ALA A 75 3.50 -19.25 -0.33
CA ALA A 75 4.15 -17.94 -0.38
C ALA A 75 5.32 -17.90 0.60
N LYS A 76 5.11 -18.41 1.80
CA LYS A 76 6.18 -18.43 2.80
C LYS A 76 7.30 -19.41 2.44
N LEU A 77 6.97 -20.43 1.66
CA LEU A 77 7.92 -21.44 1.23
C LEU A 77 8.70 -21.00 0.01
N GLY A 78 8.11 -20.10 -0.77
CA GLY A 78 8.75 -19.63 -1.97
C GLY A 78 8.28 -20.53 -3.11
N ALA A 79 7.26 -21.33 -2.84
CA ALA A 79 6.68 -22.23 -3.82
C ALA A 79 5.75 -21.43 -4.72
N VAL A 80 5.27 -22.07 -5.77
CA VAL A 80 4.40 -21.43 -6.76
C VAL A 80 3.05 -22.14 -6.88
N ALA A 81 1.99 -21.44 -6.52
CA ALA A 81 0.66 -22.02 -6.60
C ALA A 81 0.14 -21.89 -8.02
N VAL A 82 -0.57 -22.92 -8.47
CA VAL A 82 -1.16 -22.95 -9.81
C VAL A 82 -2.66 -23.18 -9.61
N PRO A 83 -3.44 -22.09 -9.41
CA PRO A 83 -4.89 -22.20 -9.21
C PRO A 83 -5.55 -22.66 -10.50
N ILE A 84 -6.31 -23.74 -10.44
CA ILE A 84 -6.97 -24.23 -11.63
C ILE A 84 -8.50 -24.18 -11.57
N ASN A 85 -9.09 -23.76 -12.69
CA ASN A 85 -10.54 -23.66 -12.83
C ASN A 85 -11.15 -25.06 -12.67
N THR A 86 -11.94 -25.23 -11.61
CA THR A 86 -12.56 -26.50 -11.30
C THR A 86 -13.66 -26.90 -12.29
N ARG A 87 -13.93 -26.05 -13.27
CA ARG A 87 -14.96 -26.36 -14.25
C ARG A 87 -14.38 -26.87 -15.57
N LEU A 88 -13.06 -26.99 -15.63
CA LEU A 88 -12.39 -27.48 -16.83
C LEU A 88 -12.52 -29.00 -16.92
N ALA A 89 -12.34 -29.55 -18.12
CA ALA A 89 -12.41 -30.99 -18.31
C ALA A 89 -11.03 -31.60 -18.09
N ALA A 90 -10.99 -32.90 -17.83
CA ALA A 90 -9.74 -33.62 -17.57
C ALA A 90 -8.59 -33.27 -18.52
N PRO A 91 -8.88 -33.21 -19.84
CA PRO A 91 -7.82 -32.88 -20.80
C PRO A 91 -7.17 -31.52 -20.56
N GLU A 92 -7.98 -30.51 -20.30
CA GLU A 92 -7.46 -29.17 -20.07
C GLU A 92 -6.72 -29.05 -18.75
N VAL A 93 -7.19 -29.79 -17.74
CA VAL A 93 -6.55 -29.76 -16.44
C VAL A 93 -5.20 -30.48 -16.54
N SER A 94 -5.15 -31.49 -17.39
CA SER A 94 -3.93 -32.26 -17.59
C SER A 94 -2.88 -31.40 -18.29
N PHE A 95 -3.30 -30.67 -19.32
CA PHE A 95 -2.39 -29.81 -20.04
C PHE A 95 -1.78 -28.76 -19.11
N ILE A 96 -2.59 -28.24 -18.18
CA ILE A 96 -2.11 -27.23 -17.24
C ILE A 96 -1.06 -27.83 -16.30
N LEU A 97 -1.34 -29.04 -15.82
CA LEU A 97 -0.41 -29.73 -14.92
C LEU A 97 0.93 -30.04 -15.61
N SER A 98 0.87 -30.53 -16.85
CA SER A 98 2.08 -30.86 -17.60
C SER A 98 2.85 -29.61 -18.02
N ASP A 99 2.13 -28.62 -18.52
CA ASP A 99 2.73 -27.37 -18.98
C ASP A 99 3.45 -26.59 -17.88
N SER A 100 2.89 -26.64 -16.66
CA SER A 100 3.47 -25.93 -15.53
C SER A 100 4.46 -26.78 -14.77
N GLY A 101 4.42 -28.09 -15.01
CA GLY A 101 5.32 -28.99 -14.32
C GLY A 101 5.00 -29.10 -12.84
N SER A 102 3.71 -28.99 -12.48
CA SER A 102 3.26 -29.08 -11.09
C SER A 102 3.77 -30.36 -10.42
N LYS A 103 4.35 -30.19 -9.24
CA LYS A 103 4.90 -31.30 -8.50
C LYS A 103 3.84 -31.96 -7.61
N VAL A 104 2.95 -31.16 -7.05
CA VAL A 104 1.90 -31.65 -6.18
C VAL A 104 0.57 -31.02 -6.56
N VAL A 105 -0.48 -31.84 -6.59
CA VAL A 105 -1.82 -31.42 -6.95
C VAL A 105 -2.81 -31.65 -5.81
N ILE A 106 -3.32 -30.57 -5.21
CA ILE A 106 -4.29 -30.66 -4.12
C ILE A 106 -5.68 -30.41 -4.70
N TYR A 107 -6.56 -31.41 -4.61
CA TYR A 107 -7.90 -31.27 -5.18
C TYR A 107 -9.05 -31.48 -4.20
N GLY A 108 -10.19 -30.87 -4.53
CA GLY A 108 -11.37 -30.99 -3.69
C GLY A 108 -12.28 -32.12 -4.12
N ALA A 109 -13.17 -32.52 -3.22
CA ALA A 109 -14.11 -33.61 -3.49
C ALA A 109 -14.76 -33.53 -4.87
N PRO A 110 -15.32 -32.37 -5.23
CA PRO A 110 -15.95 -32.25 -6.55
C PRO A 110 -14.99 -32.50 -7.71
N SER A 111 -13.68 -32.39 -7.45
CA SER A 111 -12.69 -32.61 -8.49
C SER A 111 -12.14 -34.03 -8.50
N ALA A 112 -12.68 -34.90 -7.65
CA ALA A 112 -12.21 -36.28 -7.60
C ALA A 112 -12.37 -36.93 -8.97
N PRO A 113 -13.60 -36.92 -9.53
CA PRO A 113 -13.79 -37.54 -10.85
C PRO A 113 -12.80 -37.06 -11.91
N VAL A 114 -12.61 -35.75 -12.00
CA VAL A 114 -11.68 -35.22 -13.01
C VAL A 114 -10.23 -35.67 -12.80
N ILE A 115 -9.82 -35.82 -11.53
CA ILE A 115 -8.47 -36.26 -11.21
C ILE A 115 -8.30 -37.76 -11.49
N ASP A 116 -9.29 -38.55 -11.10
CA ASP A 116 -9.24 -40.00 -11.33
C ASP A 116 -9.09 -40.24 -12.82
N ALA A 117 -9.78 -39.42 -13.61
CA ALA A 117 -9.73 -39.52 -15.06
C ALA A 117 -8.29 -39.29 -15.54
N ILE A 118 -7.69 -38.18 -15.10
CA ILE A 118 -6.32 -37.83 -15.48
C ILE A 118 -5.32 -38.93 -15.06
N ARG A 119 -5.49 -39.45 -13.85
CA ARG A 119 -4.60 -40.50 -13.34
C ARG A 119 -4.84 -41.83 -14.05
N ALA A 120 -5.85 -41.89 -14.91
CA ALA A 120 -6.17 -43.11 -15.64
C ALA A 120 -5.97 -42.99 -17.14
N GLN A 121 -5.46 -41.85 -17.59
CA GLN A 121 -5.23 -41.63 -19.02
C GLN A 121 -3.94 -42.34 -19.44
N ALA A 122 -3.77 -42.53 -20.75
CA ALA A 122 -2.60 -43.21 -21.30
C ALA A 122 -1.26 -42.59 -20.92
N ASP A 123 -1.25 -41.28 -20.73
CA ASP A 123 -0.01 -40.60 -20.38
C ASP A 123 -0.25 -39.39 -19.48
N PRO A 124 -0.40 -39.64 -18.16
CA PRO A 124 -0.64 -38.60 -17.16
C PRO A 124 0.58 -37.71 -16.90
N PRO A 125 0.36 -36.50 -16.34
CA PRO A 125 1.47 -35.59 -16.07
C PRO A 125 2.51 -36.21 -15.12
N GLY A 126 3.63 -36.64 -15.69
CA GLY A 126 4.68 -37.29 -14.93
C GLY A 126 5.41 -36.47 -13.89
N THR A 127 5.18 -35.17 -13.85
CA THR A 127 5.85 -34.34 -12.85
C THR A 127 5.16 -34.43 -11.50
N VAL A 128 3.90 -34.84 -11.50
CA VAL A 128 3.13 -34.95 -10.25
C VAL A 128 3.53 -36.14 -9.37
N THR A 129 4.18 -35.85 -8.26
CA THR A 129 4.60 -36.90 -7.34
C THR A 129 3.47 -37.26 -6.38
N ASP A 130 2.60 -36.30 -6.09
CA ASP A 130 1.49 -36.53 -5.16
C ASP A 130 0.15 -35.94 -5.56
N TRP A 131 -0.92 -36.70 -5.30
CA TRP A 131 -2.28 -36.26 -5.58
C TRP A 131 -2.99 -36.28 -4.22
N ILE A 132 -3.15 -35.10 -3.61
CA ILE A 132 -3.78 -34.98 -2.30
C ILE A 132 -5.25 -34.54 -2.30
N GLY A 133 -6.13 -35.43 -1.86
CA GLY A 133 -7.55 -35.12 -1.79
C GLY A 133 -7.87 -34.31 -0.53
N ALA A 134 -9.12 -33.84 -0.44
CA ALA A 134 -9.56 -33.02 0.69
C ALA A 134 -9.42 -33.70 2.05
N ASP A 135 -10.02 -34.87 2.21
CA ASP A 135 -9.94 -35.57 3.49
C ASP A 135 -8.51 -35.94 3.86
N SER A 136 -7.69 -36.19 2.84
CA SER A 136 -6.28 -36.54 3.06
C SER A 136 -5.54 -35.30 3.57
N LEU A 137 -5.83 -34.15 2.99
CA LEU A 137 -5.20 -32.89 3.39
C LEU A 137 -5.63 -32.53 4.82
N ALA A 138 -6.88 -32.84 5.15
CA ALA A 138 -7.42 -32.54 6.47
C ALA A 138 -6.61 -33.24 7.56
N GLU A 139 -6.18 -34.47 7.28
CA GLU A 139 -5.40 -35.23 8.25
C GLU A 139 -3.98 -34.71 8.35
N ARG A 140 -3.31 -34.51 7.22
CA ARG A 140 -1.94 -34.01 7.25
C ARG A 140 -1.89 -32.70 8.03
N LEU A 141 -2.93 -31.88 7.85
CA LEU A 141 -3.02 -30.59 8.52
C LEU A 141 -3.10 -30.71 10.05
N ARG A 142 -3.77 -31.75 10.54
CA ARG A 142 -3.91 -31.96 11.98
C ARG A 142 -2.56 -32.18 12.66
N SER A 143 -1.67 -32.94 12.01
CA SER A 143 -0.35 -33.26 12.54
C SER A 143 0.72 -32.23 12.20
N ALA A 144 0.49 -31.47 11.14
CA ALA A 144 1.43 -30.46 10.66
C ALA A 144 1.95 -29.49 11.73
N ALA A 145 3.14 -28.94 11.50
CA ALA A 145 3.73 -27.98 12.41
C ALA A 145 3.11 -26.63 12.07
N ALA A 146 3.04 -25.73 13.05
CA ALA A 146 2.45 -24.42 12.81
C ALA A 146 3.47 -23.32 12.99
N ASP A 147 4.75 -23.69 13.01
CA ASP A 147 5.79 -22.69 13.15
C ASP A 147 5.97 -21.95 11.83
N GLU A 148 6.57 -20.77 11.93
CA GLU A 148 6.79 -19.91 10.77
C GLU A 148 7.97 -20.41 9.95
N PRO A 149 7.79 -20.54 8.62
CA PRO A 149 8.91 -21.01 7.79
C PRO A 149 10.05 -20.01 7.81
N ALA A 150 11.27 -20.50 7.62
CA ALA A 150 12.44 -19.62 7.64
C ALA A 150 13.11 -19.59 6.27
N VAL A 151 12.32 -19.46 5.21
CA VAL A 151 12.87 -19.41 3.87
C VAL A 151 12.97 -17.94 3.49
N GLU A 152 14.14 -17.54 3.02
CA GLU A 152 14.31 -16.14 2.61
C GLU A 152 13.97 -16.03 1.13
N CYS A 153 12.77 -15.53 0.85
CA CYS A 153 12.29 -15.38 -0.51
C CYS A 153 11.23 -14.27 -0.59
N GLY A 154 10.99 -13.81 -1.81
CA GLY A 154 10.00 -12.76 -2.02
C GLY A 154 10.38 -11.93 -3.22
N GLY A 155 9.90 -10.69 -3.26
CA GLY A 155 10.20 -9.81 -4.37
C GLY A 155 9.92 -10.46 -5.72
N ASP A 156 10.95 -10.54 -6.55
CA ASP A 156 10.84 -11.13 -7.88
C ASP A 156 10.64 -12.64 -7.99
N ASP A 157 10.58 -13.33 -6.85
CA ASP A 157 10.37 -14.77 -6.89
C ASP A 157 8.98 -15.09 -7.40
N ASN A 158 8.87 -16.11 -8.25
CA ASN A 158 7.58 -16.49 -8.78
C ASN A 158 6.67 -16.87 -7.61
N LEU A 159 5.39 -16.55 -7.73
CA LEU A 159 4.42 -16.83 -6.69
C LEU A 159 3.22 -17.58 -7.26
N PHE A 160 2.75 -17.11 -8.42
CA PHE A 160 1.58 -17.71 -9.07
C PHE A 160 1.74 -17.88 -10.58
N ILE A 161 1.10 -18.91 -11.11
CA ILE A 161 1.07 -19.14 -12.55
C ILE A 161 -0.43 -19.30 -12.79
N MET A 162 -1.04 -18.31 -13.43
CA MET A 162 -2.47 -18.32 -13.69
C MET A 162 -2.69 -18.45 -15.19
N TYR A 163 -3.31 -19.54 -15.61
CA TYR A 163 -3.56 -19.77 -17.03
C TYR A 163 -4.75 -19.00 -17.56
N THR A 164 -4.59 -18.45 -18.76
CA THR A 164 -5.63 -17.68 -19.41
C THR A 164 -5.66 -18.02 -20.91
N SER A 165 -6.85 -18.00 -21.48
CA SER A 165 -7.05 -18.29 -22.90
C SER A 165 -6.13 -19.41 -23.40
N HIS A 170 -3.90 -23.27 -27.17
CA HIS A 170 -3.68 -23.67 -25.79
C HIS A 170 -3.58 -22.47 -24.85
N PRO A 171 -3.73 -22.71 -23.54
CA PRO A 171 -3.66 -21.64 -22.54
C PRO A 171 -2.22 -21.28 -22.24
N LYS A 172 -1.98 -20.01 -21.92
CA LYS A 172 -0.63 -19.57 -21.56
C LYS A 172 -0.65 -19.43 -20.03
N GLY A 173 0.48 -19.66 -19.39
CA GLY A 173 0.54 -19.52 -17.94
C GLY A 173 1.07 -18.15 -17.60
N VAL A 174 0.27 -17.34 -16.91
CA VAL A 174 0.70 -16.00 -16.51
C VAL A 174 1.46 -16.09 -15.18
N VAL A 175 2.75 -15.75 -15.20
CA VAL A 175 3.52 -15.85 -13.96
C VAL A 175 3.60 -14.53 -13.22
N HIS A 176 3.16 -14.57 -11.97
CA HIS A 176 3.20 -13.40 -11.09
C HIS A 176 4.15 -13.63 -9.92
N THR A 177 4.71 -12.54 -9.43
CA THR A 177 5.67 -12.59 -8.35
C THR A 177 5.11 -11.99 -7.05
N HIS A 178 5.89 -12.10 -5.98
CA HIS A 178 5.47 -11.54 -4.70
C HIS A 178 5.31 -10.04 -4.92
N GLU A 179 6.26 -9.45 -5.65
CA GLU A 179 6.22 -8.02 -5.91
C GLU A 179 5.08 -7.58 -6.85
N SER A 180 4.76 -8.38 -7.87
CA SER A 180 3.68 -7.97 -8.77
C SER A 180 2.33 -8.11 -8.04
N VAL A 181 2.19 -9.16 -7.25
CA VAL A 181 0.97 -9.39 -6.48
C VAL A 181 0.83 -8.36 -5.35
N HIS A 182 1.96 -7.99 -4.76
CA HIS A 182 1.97 -7.01 -3.68
C HIS A 182 1.52 -5.67 -4.25
N SER A 183 2.10 -5.31 -5.39
CA SER A 183 1.77 -4.07 -6.07
C SER A 183 0.30 -4.02 -6.49
N ALA A 184 -0.21 -5.16 -6.95
CA ALA A 184 -1.61 -5.22 -7.38
C ALA A 184 -2.55 -5.05 -6.19
N ALA A 185 -2.22 -5.68 -5.06
CA ALA A 185 -3.06 -5.56 -3.87
C ALA A 185 -3.03 -4.10 -3.40
N SER A 186 -1.83 -3.52 -3.39
CA SER A 186 -1.65 -2.13 -2.97
C SER A 186 -2.42 -1.17 -3.87
N SER A 187 -2.43 -1.47 -5.16
CA SER A 187 -3.15 -0.62 -6.11
C SER A 187 -4.63 -0.61 -5.75
N TRP A 188 -5.18 -1.79 -5.53
CA TRP A 188 -6.58 -1.90 -5.17
C TRP A 188 -6.88 -1.16 -3.86
N ALA A 189 -6.17 -1.53 -2.81
CA ALA A 189 -6.35 -0.94 -1.50
C ALA A 189 -6.19 0.57 -1.46
N SER A 190 -5.31 1.13 -2.28
CA SER A 190 -5.11 2.57 -2.29
C SER A 190 -6.05 3.33 -3.24
N THR A 191 -6.86 2.61 -4.00
CA THR A 191 -7.76 3.24 -4.97
C THR A 191 -9.24 3.20 -4.55
N ILE A 192 -9.76 2.01 -4.25
CA ILE A 192 -11.16 1.92 -3.83
C ILE A 192 -11.27 2.33 -2.36
N ASP A 193 -12.48 2.68 -1.94
CA ASP A 193 -12.72 3.08 -0.56
C ASP A 193 -12.91 1.83 0.29
N VAL A 194 -11.79 1.26 0.71
CA VAL A 194 -11.81 0.07 1.55
C VAL A 194 -11.12 0.51 2.83
N ARG A 195 -11.58 -0.01 3.96
CA ARG A 195 -10.99 0.38 5.22
C ARG A 195 -10.91 -0.71 6.27
N TYR A 196 -10.04 -0.47 7.24
CA TYR A 196 -9.80 -1.40 8.34
C TYR A 196 -11.11 -1.95 8.89
N ARG A 197 -11.18 -3.28 8.97
CA ARG A 197 -12.34 -3.99 9.49
C ARG A 197 -13.55 -4.10 8.57
N ASP A 198 -13.45 -3.59 7.34
CA ASP A 198 -14.56 -3.72 6.40
C ASP A 198 -14.80 -5.23 6.28
N ARG A 199 -16.01 -5.62 5.89
CA ARG A 199 -16.33 -7.04 5.71
C ARG A 199 -16.65 -7.15 4.23
N LEU A 200 -15.85 -7.94 3.51
CA LEU A 200 -15.99 -8.09 2.07
C LEU A 200 -16.46 -9.46 1.61
N LEU A 201 -17.57 -9.49 0.86
CA LEU A 201 -18.13 -10.74 0.36
C LEU A 201 -17.42 -11.23 -0.89
N LEU A 202 -16.99 -12.49 -0.86
CA LEU A 202 -16.32 -13.08 -2.00
C LEU A 202 -17.16 -14.28 -2.43
N PRO A 203 -17.93 -14.13 -3.53
CA PRO A 203 -18.78 -15.19 -4.05
C PRO A 203 -18.32 -15.75 -5.41
N LEU A 204 -17.11 -15.38 -5.83
CA LEU A 204 -16.53 -15.85 -7.09
C LEU A 204 -15.40 -16.83 -6.84
N PRO A 205 -15.22 -17.83 -7.72
CA PRO A 205 -14.16 -18.83 -7.57
C PRO A 205 -12.78 -18.20 -7.38
N MET A 206 -12.05 -18.69 -6.39
CA MET A 206 -10.73 -18.16 -6.06
C MET A 206 -9.64 -18.41 -7.10
N PHE A 207 -9.88 -19.27 -8.07
CA PHE A 207 -8.84 -19.51 -9.07
C PHE A 207 -8.72 -18.38 -10.09
N HIS A 208 -9.56 -17.36 -9.93
CA HIS A 208 -9.53 -16.20 -10.81
C HIS A 208 -8.60 -15.16 -10.20
N VAL A 209 -7.89 -14.43 -11.05
CA VAL A 209 -6.96 -13.41 -10.60
C VAL A 209 -7.62 -12.35 -9.72
N ALA A 210 -8.81 -11.89 -10.11
CA ALA A 210 -9.53 -10.89 -9.33
C ALA A 210 -9.78 -11.36 -7.89
N ALA A 211 -10.31 -12.56 -7.75
CA ALA A 211 -10.61 -13.13 -6.46
C ALA A 211 -9.35 -13.32 -5.63
N LEU A 212 -8.28 -13.75 -6.29
CA LEU A 212 -7.00 -13.99 -5.64
C LEU A 212 -6.45 -12.67 -5.10
N THR A 213 -6.46 -11.63 -5.93
CA THR A 213 -5.94 -10.33 -5.51
C THR A 213 -6.79 -9.73 -4.39
N THR A 214 -8.09 -10.02 -4.43
CA THR A 214 -9.03 -9.53 -3.42
C THR A 214 -8.73 -10.15 -2.06
N VAL A 215 -8.53 -11.47 -2.05
CA VAL A 215 -8.21 -12.19 -0.82
C VAL A 215 -6.94 -11.56 -0.24
N ILE A 216 -6.00 -11.25 -1.12
CA ILE A 216 -4.73 -10.67 -0.70
C ILE A 216 -4.78 -9.22 -0.20
N PHE A 217 -5.49 -8.32 -0.88
CA PHE A 217 -5.51 -6.97 -0.35
C PHE A 217 -6.40 -6.92 0.89
N SER A 218 -7.27 -7.91 1.05
CA SER A 218 -8.12 -7.95 2.22
C SER A 218 -7.23 -8.12 3.45
N ALA A 219 -6.26 -9.04 3.38
CA ALA A 219 -5.36 -9.26 4.49
C ALA A 219 -4.47 -8.04 4.68
N MET A 220 -4.05 -7.44 3.57
CA MET A 220 -3.19 -6.26 3.62
C MET A 220 -3.79 -5.07 4.39
N ARG A 221 -5.11 -4.91 4.28
CA ARG A 221 -5.81 -3.79 4.92
C ARG A 221 -6.58 -4.17 6.19
N GLY A 222 -6.56 -5.46 6.51
CA GLY A 222 -7.26 -5.92 7.69
C GLY A 222 -8.75 -6.01 7.42
N VAL A 223 -9.10 -6.65 6.31
CA VAL A 223 -10.48 -6.83 5.90
C VAL A 223 -10.95 -8.25 6.24
N THR A 224 -12.19 -8.36 6.71
CA THR A 224 -12.76 -9.68 7.05
C THR A 224 -13.45 -10.25 5.83
N LEU A 225 -12.97 -11.40 5.37
CA LEU A 225 -13.54 -12.08 4.21
C LEU A 225 -14.79 -12.85 4.56
N ILE A 226 -15.86 -12.57 3.84
CA ILE A 226 -17.12 -13.27 4.05
C ILE A 226 -17.27 -14.17 2.83
N SER A 227 -17.16 -15.47 3.06
CA SER A 227 -17.19 -16.40 1.96
C SER A 227 -18.49 -17.11 1.64
N MET A 228 -18.81 -17.14 0.35
CA MET A 228 -19.96 -17.86 -0.16
C MET A 228 -19.33 -18.74 -1.21
N PRO A 229 -18.74 -19.89 -0.79
CA PRO A 229 -18.08 -20.80 -1.72
C PRO A 229 -18.89 -21.11 -2.97
N GLN A 230 -20.18 -21.38 -2.81
CA GLN A 230 -21.04 -21.64 -3.96
C GLN A 230 -22.09 -20.54 -4.08
N PHE A 231 -21.91 -19.65 -5.05
CA PHE A 231 -22.86 -18.56 -5.25
C PHE A 231 -24.29 -19.07 -5.31
N ASP A 232 -25.19 -18.36 -4.63
CA ASP A 232 -26.59 -18.74 -4.60
C ASP A 232 -27.40 -17.48 -4.36
N ALA A 233 -27.89 -16.87 -5.45
CA ALA A 233 -28.67 -15.64 -5.36
C ALA A 233 -29.83 -15.74 -4.37
N THR A 234 -30.27 -16.95 -4.10
CA THR A 234 -31.38 -17.19 -3.17
C THR A 234 -30.98 -16.88 -1.72
N LYS A 235 -29.67 -16.84 -1.46
CA LYS A 235 -29.18 -16.58 -0.12
C LYS A 235 -28.14 -15.48 0.01
N VAL A 236 -27.77 -14.82 -1.08
CA VAL A 236 -26.76 -13.76 -0.99
C VAL A 236 -27.18 -12.55 -0.17
N TRP A 237 -28.42 -12.11 -0.34
CA TRP A 237 -28.88 -10.93 0.40
C TRP A 237 -28.93 -11.16 1.91
N SER A 238 -29.40 -12.33 2.33
CA SER A 238 -29.44 -12.65 3.76
C SER A 238 -28.01 -12.64 4.29
N LEU A 239 -27.12 -13.28 3.56
CA LEU A 239 -25.71 -13.33 3.93
C LEU A 239 -25.16 -11.91 4.04
N ILE A 240 -25.41 -11.11 3.01
CA ILE A 240 -24.95 -9.73 2.98
C ILE A 240 -25.42 -8.98 4.22
N VAL A 241 -26.71 -9.10 4.52
CA VAL A 241 -27.30 -8.43 5.67
C VAL A 241 -26.77 -8.97 7.00
N GLU A 242 -26.85 -10.28 7.17
CA GLU A 242 -26.40 -10.94 8.39
C GLU A 242 -24.94 -10.69 8.76
N GLU A 243 -24.03 -10.89 7.80
CA GLU A 243 -22.60 -10.67 8.08
C GLU A 243 -22.16 -9.22 8.00
N ARG A 244 -23.13 -8.32 7.84
CA ARG A 244 -22.85 -6.89 7.79
C ARG A 244 -21.84 -6.52 6.71
N VAL A 245 -21.91 -7.19 5.57
CA VAL A 245 -21.00 -6.93 4.47
C VAL A 245 -20.97 -5.47 4.03
N CYS A 246 -19.77 -4.94 3.83
CA CYS A 246 -19.58 -3.55 3.42
C CYS A 246 -19.29 -3.47 1.91
N ILE A 247 -18.51 -4.45 1.43
CA ILE A 247 -18.10 -4.51 0.03
C ILE A 247 -18.36 -5.91 -0.53
N GLY A 248 -18.65 -5.97 -1.82
CA GLY A 248 -18.90 -7.27 -2.44
C GLY A 248 -18.31 -7.41 -3.83
N GLY A 249 -17.58 -8.51 -4.05
CA GLY A 249 -17.01 -8.75 -5.35
C GLY A 249 -18.11 -9.34 -6.22
N ALA A 250 -18.19 -8.94 -7.48
CA ALA A 250 -19.22 -9.49 -8.36
C ALA A 250 -18.98 -9.16 -9.83
N VAL A 251 -19.82 -9.74 -10.69
CA VAL A 251 -19.77 -9.52 -12.13
C VAL A 251 -21.15 -9.01 -12.54
N PRO A 252 -21.25 -8.37 -13.72
CA PRO A 252 -22.56 -7.87 -14.14
C PRO A 252 -23.66 -8.93 -14.14
N ALA A 253 -23.32 -10.14 -14.60
CA ALA A 253 -24.29 -11.23 -14.66
C ALA A 253 -24.86 -11.52 -13.28
N ILE A 254 -23.99 -11.57 -12.27
CA ILE A 254 -24.41 -11.84 -10.90
C ILE A 254 -25.33 -10.75 -10.37
N LEU A 255 -24.95 -9.50 -10.58
CA LEU A 255 -25.76 -8.37 -10.11
C LEU A 255 -27.12 -8.41 -10.78
N ASN A 256 -27.15 -8.83 -12.03
CA ASN A 256 -28.40 -8.90 -12.77
C ASN A 256 -29.35 -9.88 -12.09
N PHE A 257 -28.83 -11.04 -11.69
CA PHE A 257 -29.63 -12.07 -11.03
C PHE A 257 -30.11 -11.65 -9.65
N MET A 258 -29.22 -11.03 -8.89
CA MET A 258 -29.52 -10.58 -7.54
C MET A 258 -30.67 -9.59 -7.47
N ARG A 259 -30.82 -8.75 -8.49
CA ARG A 259 -31.90 -7.77 -8.47
C ARG A 259 -33.23 -8.41 -8.87
N GLN A 260 -33.21 -9.72 -9.10
CA GLN A 260 -34.40 -10.47 -9.47
C GLN A 260 -35.05 -11.09 -8.24
N VAL A 261 -34.27 -11.83 -7.45
CA VAL A 261 -34.76 -12.48 -6.24
C VAL A 261 -35.70 -11.55 -5.46
N PRO A 262 -36.77 -12.11 -4.87
CA PRO A 262 -37.77 -11.35 -4.10
C PRO A 262 -37.22 -10.61 -2.88
N GLU A 263 -36.08 -11.04 -2.37
CA GLU A 263 -35.49 -10.40 -1.20
C GLU A 263 -34.93 -9.02 -1.56
N PHE A 264 -34.87 -8.74 -2.86
CA PHE A 264 -34.36 -7.47 -3.34
C PHE A 264 -35.45 -6.41 -3.23
N ALA A 265 -36.70 -6.84 -3.37
CA ALA A 265 -37.85 -5.94 -3.30
C ALA A 265 -37.76 -4.92 -2.17
N GLU A 266 -37.68 -5.40 -0.93
CA GLU A 266 -37.59 -4.52 0.24
C GLU A 266 -36.23 -4.63 0.90
N LEU A 267 -35.20 -4.90 0.10
CA LEU A 267 -33.84 -5.04 0.60
C LEU A 267 -33.42 -3.84 1.44
N ASP A 268 -32.81 -4.11 2.60
CA ASP A 268 -32.35 -3.05 3.47
C ASP A 268 -31.04 -3.43 4.13
N ALA A 269 -29.94 -3.08 3.47
CA ALA A 269 -28.59 -3.37 3.95
C ALA A 269 -27.78 -2.09 4.10
N PRO A 270 -27.91 -1.41 5.25
CA PRO A 270 -27.20 -0.16 5.53
C PRO A 270 -25.68 -0.29 5.61
N ASP A 271 -25.19 -1.49 5.84
CA ASP A 271 -23.74 -1.67 5.93
C ASP A 271 -23.11 -1.87 4.56
N PHE A 272 -23.92 -2.23 3.57
CA PHE A 272 -23.37 -2.44 2.25
C PHE A 272 -23.12 -1.12 1.52
N ARG A 273 -21.89 -0.90 1.09
CA ARG A 273 -21.54 0.33 0.41
C ARG A 273 -21.45 0.21 -1.12
N TYR A 274 -20.80 -0.84 -1.62
CA TYR A 274 -20.66 -1.02 -3.06
C TYR A 274 -20.17 -2.40 -3.51
N PHE A 275 -20.51 -2.73 -4.75
CA PHE A 275 -20.07 -4.00 -5.35
C PHE A 275 -18.84 -3.66 -6.17
N ILE A 276 -17.97 -4.64 -6.37
CA ILE A 276 -16.80 -4.46 -7.20
C ILE A 276 -17.05 -5.34 -8.41
N THR A 277 -17.35 -4.72 -9.54
CA THR A 277 -17.66 -5.43 -10.79
C THR A 277 -16.45 -5.55 -11.71
N GLY A 278 -16.19 -6.77 -12.17
CA GLY A 278 -15.05 -6.98 -13.05
C GLY A 278 -15.43 -7.06 -14.53
N GLY A 279 -14.79 -6.21 -15.34
CA GLY A 279 -15.03 -6.21 -16.78
C GLY A 279 -16.45 -5.92 -17.23
N ALA A 280 -16.65 -5.94 -18.55
CA ALA A 280 -17.94 -5.68 -19.18
C ALA A 280 -18.68 -4.53 -18.50
N PRO A 281 -18.51 -3.30 -19.02
CA PRO A 281 -19.16 -2.11 -18.45
C PRO A 281 -20.58 -2.36 -17.97
N MET A 282 -20.97 -1.63 -16.93
CA MET A 282 -22.30 -1.77 -16.37
C MET A 282 -23.33 -1.01 -17.19
N PRO A 283 -24.41 -1.72 -17.58
CA PRO A 283 -25.47 -1.08 -18.37
C PRO A 283 -26.10 0.03 -17.52
N GLU A 284 -26.22 1.21 -18.11
CA GLU A 284 -26.79 2.37 -17.41
C GLU A 284 -28.03 2.05 -16.57
N ALA A 285 -28.83 1.08 -17.00
CA ALA A 285 -30.05 0.70 -16.28
C ALA A 285 -29.78 -0.01 -14.97
N LEU A 286 -28.94 -1.05 -15.02
CA LEU A 286 -28.61 -1.84 -13.85
C LEU A 286 -27.99 -0.99 -12.74
N ILE A 287 -27.20 0.00 -13.11
CA ILE A 287 -26.57 0.88 -12.14
C ILE A 287 -27.61 1.70 -11.38
N LYS A 288 -28.58 2.24 -12.11
CA LYS A 288 -29.64 3.04 -11.51
C LYS A 288 -30.47 2.20 -10.55
N ILE A 289 -30.70 0.94 -10.91
CA ILE A 289 -31.48 0.04 -10.06
C ILE A 289 -30.82 -0.16 -8.70
N TYR A 290 -29.50 -0.30 -8.68
CA TYR A 290 -28.80 -0.47 -7.42
C TYR A 290 -28.66 0.86 -6.70
N ALA A 291 -28.55 1.94 -7.47
CA ALA A 291 -28.43 3.27 -6.88
C ALA A 291 -29.69 3.61 -6.10
N ALA A 292 -30.85 3.23 -6.66
CA ALA A 292 -32.13 3.46 -6.01
C ALA A 292 -32.30 2.40 -4.94
N LYS A 293 -31.20 2.08 -4.27
CA LYS A 293 -31.18 1.08 -3.23
C LYS A 293 -30.02 1.44 -2.31
N ASN A 294 -29.35 2.54 -2.64
CA ASN A 294 -28.21 3.02 -1.88
C ASN A 294 -27.01 2.08 -2.02
N ILE A 295 -26.89 1.47 -3.19
CA ILE A 295 -25.80 0.55 -3.48
C ILE A 295 -25.00 1.13 -4.64
N GLU A 296 -23.72 1.37 -4.41
CA GLU A 296 -22.87 1.91 -5.47
C GLU A 296 -22.14 0.78 -6.18
N VAL A 297 -21.56 1.07 -7.33
CA VAL A 297 -20.85 0.08 -8.11
C VAL A 297 -19.50 0.57 -8.59
N VAL A 298 -18.46 -0.21 -8.34
CA VAL A 298 -17.12 0.11 -8.80
C VAL A 298 -16.79 -0.92 -9.86
N GLN A 299 -16.42 -0.44 -11.05
CA GLN A 299 -16.10 -1.33 -12.15
C GLN A 299 -14.79 -0.94 -12.79
N GLY A 300 -14.25 -1.83 -13.62
CA GLY A 300 -13.00 -1.52 -14.26
C GLY A 300 -12.51 -2.50 -15.30
N TYR A 301 -11.32 -2.20 -15.81
CA TYR A 301 -10.66 -3.00 -16.82
C TYR A 301 -9.42 -3.67 -16.25
N ALA A 302 -9.35 -4.99 -16.36
CA ALA A 302 -8.20 -5.72 -15.85
C ALA A 302 -7.96 -6.99 -16.63
N LEU A 303 -6.70 -7.45 -16.62
CA LEU A 303 -6.29 -8.66 -17.31
C LEU A 303 -5.57 -9.56 -16.32
N THR A 304 -5.48 -10.85 -16.64
CA THR A 304 -4.77 -11.76 -15.75
C THR A 304 -3.33 -11.28 -15.74
N GLU A 305 -2.89 -10.76 -16.89
CA GLU A 305 -1.54 -10.23 -17.06
C GLU A 305 -1.24 -9.04 -16.17
N SER A 306 -2.28 -8.30 -15.77
CA SER A 306 -2.10 -7.14 -14.91
C SER A 306 -2.55 -7.48 -13.50
N CYS A 307 -2.56 -8.78 -13.19
CA CYS A 307 -2.91 -9.30 -11.87
C CYS A 307 -4.27 -8.82 -11.37
N GLY A 308 -5.20 -8.63 -12.30
CA GLY A 308 -6.53 -8.19 -11.93
C GLY A 308 -6.62 -6.70 -11.73
N GLY A 309 -5.59 -5.97 -12.12
CA GLY A 309 -5.58 -4.53 -11.96
C GLY A 309 -5.59 -3.79 -13.29
N GLY A 310 -5.55 -2.47 -13.25
CA GLY A 310 -5.56 -1.69 -14.46
C GLY A 310 -6.27 -0.35 -14.25
N THR A 311 -7.53 -0.25 -14.67
CA THR A 311 -8.28 0.98 -14.49
C THR A 311 -9.52 0.71 -13.66
N LEU A 312 -10.05 1.77 -13.06
CA LEU A 312 -11.22 1.64 -12.20
C LEU A 312 -12.12 2.87 -12.38
N LEU A 313 -13.43 2.63 -12.45
CA LEU A 313 -14.38 3.73 -12.59
C LEU A 313 -15.04 3.85 -11.23
N LEU A 314 -14.70 4.91 -10.49
CA LEU A 314 -15.25 5.11 -9.16
C LEU A 314 -16.76 5.33 -9.19
N SER A 315 -17.44 4.79 -8.19
CA SER A 315 -18.90 4.88 -8.10
C SER A 315 -19.51 6.21 -8.51
N GLU A 316 -18.92 7.31 -8.07
CA GLU A 316 -19.44 8.64 -8.41
C GLU A 316 -19.50 8.96 -9.92
N ASP A 317 -18.73 8.23 -10.73
CA ASP A 317 -18.71 8.45 -12.18
C ASP A 317 -19.45 7.35 -12.93
N ALA A 318 -19.93 6.34 -12.19
CA ALA A 318 -20.63 5.19 -12.75
C ALA A 318 -21.72 5.54 -13.77
N LEU A 319 -22.45 6.63 -13.51
CA LEU A 319 -23.51 7.03 -14.42
C LEU A 319 -23.03 8.12 -15.37
N ARG A 320 -22.29 9.09 -14.84
CA ARG A 320 -21.78 10.20 -15.65
C ARG A 320 -20.87 9.74 -16.79
N LYS A 321 -20.13 8.66 -16.58
CA LYS A 321 -19.22 8.14 -17.59
C LYS A 321 -19.58 6.72 -17.98
N ALA A 322 -20.88 6.43 -18.07
CA ALA A 322 -21.33 5.10 -18.44
C ALA A 322 -20.59 4.57 -19.67
N GLY A 323 -20.22 3.29 -19.62
CA GLY A 323 -19.50 2.70 -20.73
C GLY A 323 -17.99 2.75 -20.56
N SER A 324 -17.53 3.65 -19.70
CA SER A 324 -16.10 3.79 -19.43
C SER A 324 -15.58 2.70 -18.51
N ALA A 325 -14.29 2.38 -18.67
CA ALA A 325 -13.63 1.37 -17.85
C ALA A 325 -12.91 2.07 -16.69
N GLY A 326 -13.04 3.40 -16.65
CA GLY A 326 -12.42 4.17 -15.59
C GLY A 326 -11.07 4.78 -15.96
N ARG A 327 -10.28 5.10 -14.94
CA ARG A 327 -8.96 5.69 -15.11
C ARG A 327 -7.92 4.81 -14.42
N ALA A 328 -6.65 4.99 -14.79
CA ALA A 328 -5.58 4.19 -14.20
C ALA A 328 -5.60 4.28 -12.67
N THR A 329 -5.51 3.12 -12.03
CA THR A 329 -5.50 3.04 -10.57
C THR A 329 -4.15 3.48 -10.01
N MET A 330 -4.05 3.58 -8.69
CA MET A 330 -2.80 3.97 -8.06
C MET A 330 -1.70 2.99 -8.47
N PHE A 331 -0.50 3.53 -8.72
CA PHE A 331 0.66 2.71 -9.09
C PHE A 331 0.51 2.04 -10.46
N THR A 332 -0.36 2.59 -11.30
CA THR A 332 -0.61 2.05 -12.63
C THR A 332 -0.72 3.17 -13.66
N ASP A 333 -0.03 3.02 -14.78
CA ASP A 333 -0.13 4.00 -15.86
C ASP A 333 -0.73 3.26 -17.05
N VAL A 334 -1.73 3.88 -17.68
CA VAL A 334 -2.38 3.29 -18.84
C VAL A 334 -2.38 4.32 -19.96
N ALA A 335 -2.09 3.88 -21.16
CA ALA A 335 -2.05 4.75 -22.34
C ALA A 335 -2.46 3.97 -23.60
N VAL A 336 -2.32 4.61 -24.75
CA VAL A 336 -2.67 3.97 -26.01
C VAL A 336 -1.49 4.03 -26.99
N ARG A 337 -1.15 2.86 -27.53
CA ARG A 337 -0.06 2.72 -28.48
C ARG A 337 -0.59 2.76 -29.90
N GLY A 338 -0.18 3.77 -30.67
CA GLY A 338 -0.64 3.87 -32.04
C GLY A 338 -0.05 2.72 -32.85
N ASP A 339 -0.64 2.43 -34.00
CA ASP A 339 -0.13 1.35 -34.85
C ASP A 339 1.25 1.76 -35.39
N ASP A 340 1.66 2.98 -35.06
CA ASP A 340 2.94 3.52 -35.48
C ASP A 340 3.97 3.31 -34.37
N GLY A 341 3.53 2.70 -33.27
CA GLY A 341 4.42 2.43 -32.15
C GLY A 341 4.55 3.55 -31.13
N VAL A 342 4.02 4.73 -31.45
CA VAL A 342 4.08 5.86 -30.53
C VAL A 342 3.00 5.73 -29.46
N ILE A 343 3.41 5.87 -28.20
CA ILE A 343 2.50 5.78 -27.07
C ILE A 343 2.09 7.17 -26.61
N ARG A 344 0.78 7.41 -26.57
CA ARG A 344 0.24 8.70 -26.18
C ARG A 344 -0.69 8.61 -24.98
N GLU A 345 -0.77 9.70 -24.22
CA GLU A 345 -1.61 9.79 -23.04
C GLU A 345 -3.09 9.68 -23.39
N HIS A 346 -3.52 10.48 -24.36
CA HIS A 346 -4.91 10.48 -24.77
C HIS A 346 -5.07 10.08 -26.24
N GLY A 347 -6.31 9.86 -26.64
CA GLY A 347 -6.59 9.47 -28.02
C GLY A 347 -6.96 8.01 -28.13
N GLU A 348 -7.01 7.49 -29.35
CA GLU A 348 -7.36 6.09 -29.55
C GLU A 348 -6.11 5.29 -29.90
N GLY A 349 -6.21 3.98 -29.77
CA GLY A 349 -5.09 3.10 -30.07
C GLY A 349 -5.18 1.84 -29.23
N GLU A 350 -4.14 1.01 -29.27
CA GLU A 350 -4.13 -0.21 -28.47
C GLU A 350 -3.82 0.14 -27.01
N VAL A 351 -4.62 -0.37 -26.09
CA VAL A 351 -4.40 -0.12 -24.68
C VAL A 351 -3.11 -0.79 -24.23
N VAL A 352 -2.22 -0.01 -23.62
CA VAL A 352 -0.95 -0.50 -23.09
C VAL A 352 -0.85 -0.13 -21.61
N ILE A 353 -0.14 -0.95 -20.84
CA ILE A 353 0.01 -0.74 -19.40
C ILE A 353 1.47 -0.80 -18.95
N LYS A 354 1.83 0.13 -18.06
CA LYS A 354 3.17 0.20 -17.48
C LYS A 354 2.91 0.26 -15.97
N SER A 355 3.20 -0.83 -15.27
CA SER A 355 2.94 -0.91 -13.84
C SER A 355 3.64 -2.13 -13.21
N ASP A 356 3.93 -2.04 -11.92
CA ASP A 356 4.58 -3.15 -11.22
C ASP A 356 3.61 -4.31 -11.01
N ILE A 357 2.34 -4.11 -11.36
CA ILE A 357 1.34 -5.17 -11.21
C ILE A 357 1.40 -6.17 -12.38
N LEU A 358 2.21 -5.85 -13.38
CA LEU A 358 2.32 -6.71 -14.56
C LEU A 358 3.08 -8.02 -14.33
N LEU A 359 2.69 -9.03 -15.10
CA LEU A 359 3.31 -10.34 -15.04
C LEU A 359 4.79 -10.24 -15.33
N LYS A 360 5.56 -11.22 -14.88
CA LYS A 360 6.98 -11.22 -15.17
C LYS A 360 7.18 -11.80 -16.57
N GLU A 361 6.40 -12.83 -16.90
CA GLU A 361 6.51 -13.49 -18.20
C GLU A 361 5.42 -14.55 -18.31
N TYR A 362 5.26 -15.11 -19.51
CA TYR A 362 4.31 -16.21 -19.68
C TYR A 362 5.21 -17.42 -19.39
N TRP A 363 4.66 -18.46 -18.79
CA TRP A 363 5.46 -19.62 -18.46
C TRP A 363 5.92 -20.43 -19.66
N ASN A 364 7.23 -20.52 -19.85
CA ASN A 364 7.81 -21.29 -20.94
C ASN A 364 7.22 -20.94 -22.31
N ARG A 365 7.16 -19.63 -22.59
CA ARG A 365 6.61 -19.08 -23.84
C ARG A 365 7.45 -17.86 -24.19
N PRO A 366 8.76 -18.05 -24.47
CA PRO A 366 9.65 -16.94 -24.80
C PRO A 366 9.15 -15.94 -25.86
N GLU A 367 8.61 -16.45 -26.96
CA GLU A 367 8.11 -15.58 -28.02
C GLU A 367 6.92 -14.74 -27.57
N ALA A 368 5.94 -15.36 -26.93
CA ALA A 368 4.76 -14.64 -26.46
C ALA A 368 5.14 -13.54 -25.46
N THR A 369 6.09 -13.86 -24.57
CA THR A 369 6.54 -12.90 -23.56
C THR A 369 7.22 -11.71 -24.23
N ARG A 370 8.00 -12.00 -25.25
CA ARG A 370 8.72 -10.98 -25.98
C ARG A 370 7.80 -10.04 -26.75
N ASP A 371 6.77 -10.58 -27.39
CA ASP A 371 5.85 -9.75 -28.15
C ASP A 371 4.85 -9.00 -27.29
N ALA A 372 4.67 -9.46 -26.06
CA ALA A 372 3.72 -8.82 -25.15
C ALA A 372 4.22 -7.48 -24.63
N PHE A 373 5.53 -7.29 -24.64
CA PHE A 373 6.11 -6.03 -24.15
C PHE A 373 6.77 -5.17 -25.22
N ASP A 374 6.60 -3.86 -25.08
CA ASP A 374 7.20 -2.90 -25.99
C ASP A 374 7.82 -1.80 -25.15
N ASN A 375 9.14 -1.86 -25.01
CA ASN A 375 9.89 -0.91 -24.22
C ASN A 375 9.24 -0.49 -22.92
N GLY A 376 8.94 -1.46 -22.07
CA GLY A 376 8.35 -1.16 -20.78
C GLY A 376 6.84 -1.20 -20.72
N TRP A 377 6.19 -1.21 -21.89
CA TRP A 377 4.74 -1.24 -21.90
C TRP A 377 4.17 -2.58 -22.32
N PHE A 378 3.14 -3.03 -21.62
CA PHE A 378 2.49 -4.30 -21.92
C PHE A 378 1.36 -4.04 -22.92
N ARG A 379 1.39 -4.76 -24.04
CA ARG A 379 0.36 -4.62 -25.07
C ARG A 379 -0.79 -5.56 -24.76
N THR A 380 -1.95 -4.99 -24.49
CA THR A 380 -3.12 -5.77 -24.13
C THR A 380 -3.82 -6.45 -25.29
N GLY A 381 -3.60 -5.95 -26.50
CA GLY A 381 -4.26 -6.54 -27.64
C GLY A 381 -5.68 -6.03 -27.76
N ASP A 382 -6.01 -5.02 -26.95
CA ASP A 382 -7.34 -4.40 -26.94
C ASP A 382 -7.28 -2.98 -27.48
N ILE A 383 -8.27 -2.62 -28.30
CA ILE A 383 -8.34 -1.28 -28.84
C ILE A 383 -9.21 -0.48 -27.87
N GLY A 384 -8.85 0.79 -27.67
CA GLY A 384 -9.62 1.60 -26.75
C GLY A 384 -9.38 3.09 -26.96
N GLU A 385 -10.14 3.90 -26.24
CA GLU A 385 -9.99 5.35 -26.35
C GLU A 385 -9.90 5.99 -24.98
N ILE A 386 -9.08 7.02 -24.88
CA ILE A 386 -8.90 7.74 -23.63
C ILE A 386 -9.23 9.22 -23.84
N ASP A 387 -10.30 9.69 -23.18
CA ASP A 387 -10.70 11.08 -23.32
C ASP A 387 -9.86 12.04 -22.49
N ASP A 388 -10.17 13.33 -22.61
CA ASP A 388 -9.44 14.39 -21.91
C ASP A 388 -9.37 14.28 -20.39
N GLU A 389 -10.34 13.62 -19.77
CA GLU A 389 -10.32 13.48 -18.32
C GLU A 389 -9.55 12.23 -17.94
N GLY A 390 -9.13 11.47 -18.94
CA GLY A 390 -8.38 10.26 -18.69
C GLY A 390 -9.25 9.02 -18.59
N TYR A 391 -10.52 9.13 -18.97
CA TYR A 391 -11.39 7.97 -18.90
C TYR A 391 -11.16 7.03 -20.09
N LEU A 392 -11.07 5.75 -19.78
CA LEU A 392 -10.83 4.73 -20.80
C LEU A 392 -12.09 4.05 -21.29
N TYR A 393 -12.12 3.80 -22.59
CA TYR A 393 -13.24 3.09 -23.20
C TYR A 393 -12.61 1.97 -24.01
N ILE A 394 -13.01 0.74 -23.72
CA ILE A 394 -12.48 -0.42 -24.42
C ILE A 394 -13.34 -0.68 -25.64
N LYS A 395 -12.73 -1.11 -26.73
CA LYS A 395 -13.49 -1.39 -27.95
C LYS A 395 -13.36 -2.81 -28.47
N ASP A 396 -12.67 -3.00 -29.59
CA ASP A 396 -12.52 -4.35 -30.15
C ASP A 396 -11.12 -4.92 -30.01
N MET B 1 9.02 -0.23 -11.06
CA MET B 1 9.59 0.47 -9.87
C MET B 1 8.66 1.63 -9.49
N LYS B 2 8.70 2.01 -8.22
CA LYS B 2 7.85 3.10 -7.74
C LYS B 2 8.57 4.43 -7.76
N ASN B 3 7.78 5.49 -7.92
CA ASN B 3 8.31 6.84 -7.91
C ASN B 3 7.30 7.67 -7.12
N ILE B 4 7.77 8.27 -6.04
CA ILE B 4 6.92 9.08 -5.18
C ILE B 4 6.26 10.21 -5.95
N GLY B 5 7.01 10.78 -6.90
CA GLY B 5 6.48 11.85 -7.72
C GLY B 5 5.33 11.34 -8.59
N TRP B 6 5.54 10.20 -9.24
CA TRP B 6 4.52 9.62 -10.11
C TRP B 6 3.25 9.33 -9.30
N MET B 7 3.44 8.93 -8.04
CA MET B 7 2.30 8.62 -7.19
C MET B 7 1.35 9.82 -7.02
N LEU B 8 1.93 11.01 -6.97
CA LEU B 8 1.15 12.25 -6.84
C LEU B 8 0.33 12.40 -8.11
N ARG B 9 0.97 12.18 -9.26
CA ARG B 9 0.30 12.27 -10.55
C ARG B 9 -0.85 11.29 -10.61
N GLN B 10 -0.60 10.07 -10.14
CA GLN B 10 -1.61 9.04 -10.15
C GLN B 10 -2.79 9.39 -9.26
N ARG B 11 -2.55 10.05 -8.12
CA ARG B 11 -3.64 10.46 -7.23
C ARG B 11 -4.42 11.57 -7.95
N ALA B 12 -3.69 12.47 -8.60
CA ALA B 12 -4.29 13.57 -9.36
C ALA B 12 -5.13 13.00 -10.51
N THR B 13 -4.76 11.83 -10.98
CA THR B 13 -5.48 11.17 -12.08
C THR B 13 -6.75 10.50 -11.56
N VAL B 14 -6.63 9.87 -10.40
CA VAL B 14 -7.75 9.17 -9.78
C VAL B 14 -8.70 10.11 -9.05
N SER B 15 -8.14 11.15 -8.43
CA SER B 15 -8.90 12.13 -7.65
C SER B 15 -8.49 13.56 -7.95
N PRO B 16 -8.69 14.01 -9.21
CA PRO B 16 -8.32 15.38 -9.54
C PRO B 16 -9.07 16.48 -8.79
N ARG B 17 -10.34 16.25 -8.46
CA ARG B 17 -11.14 17.25 -7.77
C ARG B 17 -11.12 17.15 -6.25
N LEU B 18 -10.52 16.09 -5.73
CA LEU B 18 -10.43 15.90 -4.28
C LEU B 18 -9.44 16.92 -3.70
N GLN B 19 -9.80 17.54 -2.59
CA GLN B 19 -8.91 18.51 -1.94
C GLN B 19 -7.67 17.78 -1.45
N ALA B 20 -6.52 18.40 -1.64
CA ALA B 20 -5.25 17.80 -1.24
C ALA B 20 -4.57 18.58 -0.12
N TYR B 21 -4.61 19.90 -0.24
CA TYR B 21 -3.97 20.75 0.73
C TYR B 21 -4.87 21.92 1.08
N VAL B 22 -5.21 22.04 2.36
CA VAL B 22 -6.07 23.12 2.84
C VAL B 22 -5.38 23.78 4.03
N GLU B 23 -5.02 25.05 3.86
CA GLU B 23 -4.33 25.83 4.88
C GLU B 23 -5.09 27.14 5.12
N PRO B 24 -6.08 27.12 6.04
CA PRO B 24 -6.90 28.29 6.37
C PRO B 24 -6.09 29.54 6.69
N SER B 25 -5.15 29.42 7.61
CA SER B 25 -4.31 30.55 8.03
C SER B 25 -3.71 31.28 6.85
N THR B 26 -3.57 30.61 5.72
CA THR B 26 -2.96 31.25 4.57
C THR B 26 -3.88 31.37 3.36
N ASP B 27 -5.12 30.90 3.52
CA ASP B 27 -6.11 30.97 2.46
C ASP B 27 -5.82 30.05 1.27
N VAL B 28 -5.09 28.97 1.53
CA VAL B 28 -4.75 28.03 0.48
C VAL B 28 -5.63 26.79 0.52
N ARG B 29 -6.25 26.49 -0.62
CA ARG B 29 -7.12 25.33 -0.76
C ARG B 29 -6.94 24.80 -2.17
N MET B 30 -6.24 23.68 -2.27
CA MET B 30 -5.95 23.07 -3.56
C MET B 30 -6.38 21.62 -3.70
N THR B 31 -6.84 21.28 -4.90
CA THR B 31 -7.26 19.91 -5.22
C THR B 31 -5.98 19.16 -5.58
N TYR B 32 -6.07 17.84 -5.77
CA TYR B 32 -4.88 17.06 -6.13
C TYR B 32 -4.38 17.43 -7.52
N ALA B 33 -5.32 17.70 -8.42
CA ALA B 33 -4.96 18.08 -9.79
C ALA B 33 -4.12 19.35 -9.75
N GLN B 34 -4.51 20.30 -8.90
CA GLN B 34 -3.78 21.57 -8.79
C GLN B 34 -2.45 21.42 -8.07
N MET B 35 -2.42 20.57 -7.05
CA MET B 35 -1.19 20.36 -6.30
C MET B 35 -0.19 19.61 -7.20
N ASN B 36 -0.69 18.73 -8.06
CA ASN B 36 0.20 18.00 -8.95
C ASN B 36 0.79 18.95 -9.99
N ALA B 37 -0.02 19.89 -10.45
CA ALA B 37 0.45 20.86 -11.43
C ALA B 37 1.51 21.77 -10.80
N LEU B 38 1.34 22.10 -9.52
CA LEU B 38 2.32 22.96 -8.84
C LEU B 38 3.63 22.18 -8.70
N ALA B 39 3.52 20.87 -8.49
CA ALA B 39 4.67 19.99 -8.37
C ALA B 39 5.49 20.03 -9.66
N ASN B 40 4.80 19.96 -10.80
CA ASN B 40 5.48 20.00 -12.10
C ASN B 40 6.16 21.35 -12.32
N ARG B 41 5.52 22.43 -11.87
CA ARG B 41 6.11 23.75 -12.03
C ARG B 41 7.37 23.81 -11.15
N CYS B 42 7.32 23.15 -10.00
CA CYS B 42 8.46 23.11 -9.10
C CYS B 42 9.60 22.35 -9.79
N ALA B 43 9.26 21.22 -10.40
CA ALA B 43 10.24 20.41 -11.13
C ALA B 43 10.85 21.25 -12.24
N ASP B 44 9.99 21.94 -13.00
CA ASP B 44 10.45 22.78 -14.09
C ASP B 44 11.37 23.89 -13.60
N VAL B 45 11.10 24.39 -12.40
CA VAL B 45 11.92 25.45 -11.82
C VAL B 45 13.29 24.90 -11.40
N LEU B 46 13.29 23.74 -10.74
CA LEU B 46 14.54 23.11 -10.31
C LEU B 46 15.45 22.80 -11.49
N THR B 47 14.84 22.27 -12.56
CA THR B 47 15.56 21.93 -13.79
C THR B 47 16.24 23.15 -14.39
N ALA B 48 15.52 24.28 -14.40
CA ALA B 48 16.05 25.52 -14.95
C ALA B 48 17.26 26.00 -14.13
N LEU B 49 17.28 25.64 -12.85
CA LEU B 49 18.38 26.03 -11.96
C LEU B 49 19.60 25.12 -12.15
N GLY B 50 19.47 24.07 -12.94
CA GLY B 50 20.58 23.17 -13.17
C GLY B 50 20.56 21.88 -12.36
N ILE B 51 19.40 21.55 -11.79
CA ILE B 51 19.27 20.34 -11.00
C ILE B 51 19.04 19.12 -11.90
N ALA B 52 19.91 18.14 -11.81
CA ALA B 52 19.79 16.92 -12.60
C ALA B 52 19.58 15.76 -11.66
N LYS B 53 19.22 14.60 -12.21
CA LYS B 53 18.99 13.40 -11.41
C LYS B 53 20.19 13.18 -10.46
N GLY B 54 19.89 12.99 -9.18
CA GLY B 54 20.94 12.77 -8.20
C GLY B 54 21.36 14.01 -7.42
N ASP B 55 21.24 15.18 -8.04
CA ASP B 55 21.61 16.45 -7.39
C ASP B 55 20.73 16.72 -6.17
N ARG B 56 21.31 17.36 -5.17
CA ARG B 56 20.58 17.67 -3.95
C ARG B 56 20.01 19.09 -3.91
N VAL B 57 18.78 19.19 -3.44
CA VAL B 57 18.10 20.47 -3.30
C VAL B 57 17.74 20.61 -1.82
N ALA B 58 18.33 21.58 -1.14
CA ALA B 58 18.05 21.78 0.29
C ALA B 58 16.79 22.61 0.52
N LEU B 59 15.96 22.17 1.47
CA LEU B 59 14.71 22.85 1.80
C LEU B 59 14.77 23.40 3.22
N LEU B 60 14.78 24.72 3.34
CA LEU B 60 14.85 25.39 4.63
C LEU B 60 13.71 26.40 4.64
N MET B 61 12.50 25.92 4.87
CA MET B 61 11.34 26.79 4.83
C MET B 61 10.15 26.35 5.68
N PRO B 62 9.18 27.27 5.88
CA PRO B 62 7.98 26.98 6.68
C PRO B 62 7.09 25.98 5.94
N ASN B 63 6.24 25.26 6.69
CA ASN B 63 5.32 24.31 6.08
C ASN B 63 4.48 25.08 5.07
N SER B 64 4.33 24.52 3.87
CA SER B 64 3.55 25.17 2.83
C SER B 64 3.34 24.19 1.70
N VAL B 65 2.34 24.45 0.86
CA VAL B 65 2.06 23.58 -0.25
C VAL B 65 3.29 23.52 -1.16
N GLU B 66 4.04 24.62 -1.21
CA GLU B 66 5.24 24.69 -2.05
C GLU B 66 6.37 23.83 -1.49
N PHE B 67 6.37 23.62 -0.17
CA PHE B 67 7.38 22.78 0.46
C PHE B 67 7.11 21.36 -0.04
N CYS B 68 5.85 20.95 0.02
CA CYS B 68 5.45 19.62 -0.44
C CYS B 68 5.72 19.44 -1.93
N CYS B 69 5.24 20.40 -2.73
CA CYS B 69 5.41 20.31 -4.17
C CYS B 69 6.86 20.35 -4.61
N LEU B 70 7.72 20.94 -3.79
CA LEU B 70 9.13 21.01 -4.12
C LEU B 70 9.75 19.62 -4.08
N PHE B 71 9.41 18.81 -3.08
CA PHE B 71 9.99 17.48 -3.00
C PHE B 71 9.24 16.50 -3.90
N TYR B 72 7.96 16.75 -4.16
CA TYR B 72 7.23 15.89 -5.08
C TYR B 72 7.82 16.16 -6.46
N GLY B 73 8.21 17.41 -6.69
CA GLY B 73 8.79 17.79 -7.96
C GLY B 73 10.19 17.22 -8.11
N ALA B 74 10.98 17.29 -7.04
CA ALA B 74 12.33 16.74 -7.07
C ALA B 74 12.19 15.23 -7.31
N ALA B 75 11.13 14.66 -6.75
CA ALA B 75 10.85 13.23 -6.90
C ALA B 75 10.71 12.85 -8.37
N LYS B 76 9.94 13.64 -9.12
CA LYS B 76 9.74 13.37 -10.53
C LYS B 76 11.03 13.58 -11.33
N LEU B 77 11.94 14.39 -10.80
CA LEU B 77 13.21 14.68 -11.45
C LEU B 77 14.31 13.67 -11.13
N GLY B 78 14.16 12.97 -10.03
CA GLY B 78 15.17 12.02 -9.61
C GLY B 78 16.15 12.79 -8.73
N ALA B 79 15.76 14.01 -8.37
CA ALA B 79 16.61 14.85 -7.51
C ALA B 79 16.40 14.43 -6.05
N VAL B 80 17.31 14.86 -5.19
CA VAL B 80 17.26 14.51 -3.77
C VAL B 80 17.01 15.73 -2.88
N ALA B 81 15.92 15.70 -2.12
CA ALA B 81 15.61 16.83 -1.25
C ALA B 81 16.26 16.63 0.11
N VAL B 82 16.81 17.72 0.63
CA VAL B 82 17.45 17.73 1.96
C VAL B 82 16.65 18.71 2.82
N PRO B 83 15.61 18.20 3.52
CA PRO B 83 14.78 19.05 4.38
C PRO B 83 15.56 19.47 5.63
N ILE B 84 15.77 20.78 5.79
CA ILE B 84 16.53 21.27 6.93
C ILE B 84 15.67 21.91 8.04
N ASN B 85 16.00 21.57 9.29
CA ASN B 85 15.32 22.08 10.47
C ASN B 85 15.53 23.60 10.51
N THR B 86 14.44 24.35 10.42
CA THR B 86 14.52 25.81 10.43
C THR B 86 14.91 26.45 11.75
N ARG B 87 15.07 25.64 12.80
CA ARG B 87 15.45 26.20 14.10
C ARG B 87 16.95 26.12 14.36
N LEU B 88 17.70 25.52 13.43
CA LEU B 88 19.14 25.38 13.57
C LEU B 88 19.84 26.72 13.35
N ALA B 89 21.08 26.82 13.83
CA ALA B 89 21.87 28.03 13.69
C ALA B 89 22.69 27.96 12.40
N ALA B 90 23.27 29.09 12.00
CA ALA B 90 24.06 29.17 10.77
C ALA B 90 25.09 28.05 10.62
N PRO B 91 25.92 27.81 11.65
CA PRO B 91 26.91 26.74 11.52
C PRO B 91 26.27 25.39 11.16
N GLU B 92 25.40 24.90 12.04
CA GLU B 92 24.73 23.63 11.81
C GLU B 92 24.12 23.51 10.41
N VAL B 93 23.50 24.58 9.93
CA VAL B 93 22.89 24.56 8.59
C VAL B 93 23.97 24.56 7.51
N SER B 94 25.07 25.25 7.79
CA SER B 94 26.15 25.33 6.84
C SER B 94 26.84 23.97 6.72
N PHE B 95 26.86 23.23 7.82
CA PHE B 95 27.48 21.91 7.81
C PHE B 95 26.60 20.95 7.00
N ILE B 96 25.28 21.07 7.17
CA ILE B 96 24.33 20.23 6.46
C ILE B 96 24.48 20.44 4.95
N LEU B 97 24.60 21.70 4.55
CA LEU B 97 24.75 22.04 3.14
C LEU B 97 26.07 21.51 2.57
N SER B 98 27.15 21.64 3.35
CA SER B 98 28.46 21.17 2.92
C SER B 98 28.49 19.65 2.82
N ASP B 99 28.05 19.00 3.89
CA ASP B 99 28.05 17.54 3.96
C ASP B 99 27.22 16.86 2.87
N SER B 100 26.06 17.44 2.56
CA SER B 100 25.18 16.87 1.56
C SER B 100 25.54 17.27 0.14
N GLY B 101 26.41 18.27 0.01
CA GLY B 101 26.79 18.73 -1.33
C GLY B 101 25.60 19.33 -2.06
N SER B 102 24.67 19.93 -1.31
CA SER B 102 23.49 20.56 -1.90
C SER B 102 23.86 21.55 -2.99
N LYS B 103 23.16 21.46 -4.11
CA LYS B 103 23.43 22.35 -5.23
C LYS B 103 22.55 23.61 -5.17
N VAL B 104 21.33 23.44 -4.69
CA VAL B 104 20.38 24.54 -4.57
C VAL B 104 19.71 24.55 -3.21
N VAL B 105 19.61 25.73 -2.61
CA VAL B 105 18.98 25.91 -1.31
C VAL B 105 17.76 26.82 -1.44
N ILE B 106 16.57 26.28 -1.21
CA ILE B 106 15.33 27.05 -1.28
C ILE B 106 14.96 27.40 0.16
N TYR B 107 15.01 28.69 0.52
CA TYR B 107 14.70 29.10 1.89
C TYR B 107 13.50 30.03 2.03
N GLY B 108 12.86 29.99 3.20
CA GLY B 108 11.71 30.83 3.48
C GLY B 108 12.12 32.12 4.16
N ALA B 109 11.22 33.10 4.18
CA ALA B 109 11.48 34.40 4.78
C ALA B 109 12.12 34.34 6.16
N PRO B 110 11.54 33.54 7.08
CA PRO B 110 12.12 33.45 8.42
C PRO B 110 13.56 32.95 8.45
N SER B 111 14.02 32.35 7.35
CA SER B 111 15.38 31.83 7.27
C SER B 111 16.35 32.77 6.57
N ALA B 112 15.84 33.87 6.00
CA ALA B 112 16.71 34.82 5.31
C ALA B 112 17.92 35.19 6.18
N PRO B 113 17.67 35.56 7.45
CA PRO B 113 18.78 35.92 8.35
C PRO B 113 19.87 34.86 8.47
N VAL B 114 19.48 33.60 8.61
CA VAL B 114 20.46 32.52 8.73
C VAL B 114 21.16 32.22 7.41
N ILE B 115 20.49 32.45 6.29
CA ILE B 115 21.08 32.21 4.98
C ILE B 115 22.07 33.33 4.66
N ASP B 116 21.72 34.55 5.06
CA ASP B 116 22.61 35.70 4.83
C ASP B 116 23.88 35.49 5.64
N ALA B 117 23.72 34.93 6.84
CA ALA B 117 24.85 34.66 7.71
C ALA B 117 25.79 33.69 6.97
N ILE B 118 25.23 32.57 6.51
CA ILE B 118 26.02 31.57 5.80
C ILE B 118 26.73 32.16 4.57
N ARG B 119 26.00 32.93 3.76
CA ARG B 119 26.61 33.52 2.58
C ARG B 119 27.69 34.56 2.91
N ALA B 120 27.69 35.05 4.15
CA ALA B 120 28.65 36.05 4.56
C ALA B 120 29.88 35.46 5.26
N GLN B 121 29.76 34.23 5.74
CA GLN B 121 30.88 33.58 6.43
C GLN B 121 32.09 33.49 5.51
N ALA B 122 33.27 33.31 6.11
CA ALA B 122 34.52 33.22 5.38
C ALA B 122 34.59 32.07 4.37
N ASP B 123 34.13 30.90 4.80
CA ASP B 123 34.18 29.72 3.93
C ASP B 123 32.81 29.04 3.83
N PRO B 124 31.91 29.60 2.99
CA PRO B 124 30.56 29.07 2.77
C PRO B 124 30.52 27.81 1.90
N PRO B 125 29.40 27.07 1.93
CA PRO B 125 29.26 25.85 1.13
C PRO B 125 29.38 26.11 -0.37
N GLY B 126 30.58 25.87 -0.90
CA GLY B 126 30.86 26.10 -2.30
C GLY B 126 30.08 25.30 -3.33
N THR B 127 29.30 24.32 -2.89
CA THR B 127 28.52 23.53 -3.84
C THR B 127 27.22 24.21 -4.25
N VAL B 128 26.78 25.18 -3.44
CA VAL B 128 25.53 25.88 -3.72
C VAL B 128 25.68 26.89 -4.85
N THR B 129 25.01 26.61 -5.97
CA THR B 129 25.08 27.51 -7.10
C THR B 129 24.01 28.58 -7.02
N ASP B 130 22.90 28.26 -6.34
CA ASP B 130 21.79 29.20 -6.20
C ASP B 130 21.13 29.22 -4.82
N TRP B 131 20.80 30.41 -4.36
CA TRP B 131 20.11 30.59 -3.09
C TRP B 131 18.77 31.26 -3.47
N ILE B 132 17.69 30.49 -3.41
CA ILE B 132 16.36 30.97 -3.78
C ILE B 132 15.44 31.34 -2.59
N GLY B 133 15.10 32.62 -2.50
CA GLY B 133 14.21 33.09 -1.45
C GLY B 133 12.78 32.75 -1.82
N ALA B 134 11.88 32.77 -0.84
CA ALA B 134 10.48 32.44 -1.09
C ALA B 134 9.85 33.40 -2.10
N ASP B 135 10.22 34.68 -2.03
CA ASP B 135 9.70 35.68 -2.94
C ASP B 135 10.12 35.38 -4.38
N SER B 136 11.41 35.07 -4.56
CA SER B 136 11.95 34.76 -5.88
C SER B 136 11.31 33.48 -6.45
N LEU B 137 11.14 32.48 -5.59
CA LEU B 137 10.53 31.21 -5.99
C LEU B 137 9.13 31.45 -6.55
N ALA B 138 8.40 32.36 -5.91
CA ALA B 138 7.03 32.68 -6.34
C ALA B 138 7.01 33.10 -7.81
N GLU B 139 7.90 34.00 -8.18
CA GLU B 139 7.97 34.46 -9.57
C GLU B 139 8.32 33.31 -10.51
N ARG B 140 9.43 32.63 -10.24
CA ARG B 140 9.86 31.52 -11.07
C ARG B 140 8.70 30.56 -11.28
N LEU B 141 7.94 30.35 -10.21
CA LEU B 141 6.79 29.45 -10.23
C LEU B 141 5.69 29.92 -11.19
N ARG B 142 5.56 31.23 -11.36
CA ARG B 142 4.53 31.78 -12.26
C ARG B 142 4.85 31.52 -13.73
N SER B 143 6.15 31.58 -14.08
CA SER B 143 6.61 31.37 -15.45
C SER B 143 6.82 29.90 -15.84
N ALA B 144 7.13 29.08 -14.84
CA ALA B 144 7.42 27.67 -15.04
C ALA B 144 6.37 26.87 -15.80
N ALA B 145 6.83 25.84 -16.51
CA ALA B 145 5.94 24.97 -17.27
C ALA B 145 5.28 24.04 -16.26
N ALA B 146 4.10 23.55 -16.60
CA ALA B 146 3.36 22.67 -15.70
C ALA B 146 3.21 21.26 -16.27
N ASP B 147 4.05 20.92 -17.23
CA ASP B 147 3.97 19.59 -17.80
C ASP B 147 4.76 18.58 -16.96
N GLU B 148 4.36 17.32 -17.13
CA GLU B 148 4.95 16.18 -16.43
C GLU B 148 6.38 15.91 -16.91
N PRO B 149 7.35 15.82 -15.98
CA PRO B 149 8.73 15.55 -16.43
C PRO B 149 8.83 14.15 -17.05
N ALA B 150 9.81 13.96 -17.93
CA ALA B 150 10.00 12.68 -18.58
C ALA B 150 11.30 11.99 -18.14
N VAL B 151 11.49 11.88 -16.83
CA VAL B 151 12.69 11.23 -16.31
C VAL B 151 12.34 9.84 -15.80
N GLU B 152 13.11 8.84 -16.22
CA GLU B 152 12.89 7.48 -15.79
C GLU B 152 13.75 7.23 -14.54
N CYS B 153 13.12 7.32 -13.38
CA CYS B 153 13.80 7.12 -12.11
C CYS B 153 12.81 6.65 -11.05
N GLY B 154 13.33 6.15 -9.94
CA GLY B 154 12.48 5.65 -8.88
C GLY B 154 13.14 4.46 -8.20
N GLY B 155 12.34 3.62 -7.57
CA GLY B 155 12.89 2.46 -6.88
C GLY B 155 14.05 2.83 -5.94
N ASP B 156 15.22 2.25 -6.21
CA ASP B 156 16.43 2.47 -5.40
C ASP B 156 17.11 3.82 -5.50
N ASP B 157 16.66 4.68 -6.41
CA ASP B 157 17.28 6.00 -6.54
C ASP B 157 17.08 6.78 -5.24
N ASN B 158 18.06 7.59 -4.89
CA ASN B 158 17.98 8.39 -3.67
C ASN B 158 16.84 9.43 -3.83
N LEU B 159 16.12 9.70 -2.74
CA LEU B 159 15.02 10.67 -2.74
C LEU B 159 15.18 11.74 -1.66
N PHE B 160 15.51 11.33 -0.43
CA PHE B 160 15.68 12.24 0.69
C PHE B 160 16.94 11.96 1.50
N ILE B 161 17.55 13.01 2.05
CA ILE B 161 18.69 12.86 2.96
C ILE B 161 18.24 13.66 4.18
N MET B 162 17.82 12.96 5.22
CA MET B 162 17.34 13.57 6.44
C MET B 162 18.39 13.45 7.53
N TYR B 163 18.92 14.58 7.99
CA TYR B 163 19.94 14.54 9.03
C TYR B 163 19.39 14.29 10.41
N THR B 164 20.15 13.55 11.20
CA THR B 164 19.74 13.20 12.55
C THR B 164 20.94 13.18 13.51
N SER B 165 20.72 13.72 14.71
CA SER B 165 21.74 13.81 15.76
C SER B 165 22.86 14.77 15.38
N HIS B 170 28.73 15.49 14.97
CA HIS B 170 27.97 16.04 13.84
C HIS B 170 26.78 15.15 13.50
N PRO B 171 25.87 15.67 12.67
CA PRO B 171 24.68 14.91 12.25
C PRO B 171 25.04 13.99 11.09
N LYS B 172 24.32 12.87 10.96
CA LYS B 172 24.55 11.95 9.86
C LYS B 172 23.37 12.17 8.93
N GLY B 173 23.60 12.09 7.62
CA GLY B 173 22.52 12.25 6.67
C GLY B 173 21.91 10.88 6.40
N VAL B 174 20.62 10.71 6.67
CA VAL B 174 19.97 9.43 6.44
C VAL B 174 19.38 9.45 5.03
N VAL B 175 19.90 8.57 4.17
CA VAL B 175 19.42 8.52 2.81
C VAL B 175 18.30 7.54 2.61
N HIS B 176 17.18 8.07 2.11
CA HIS B 176 16.01 7.26 1.82
C HIS B 176 15.79 7.29 0.32
N THR B 177 15.13 6.26 -0.18
CA THR B 177 14.89 6.14 -1.61
C THR B 177 13.40 6.18 -1.89
N HIS B 178 13.05 6.16 -3.17
CA HIS B 178 11.64 6.16 -3.55
C HIS B 178 11.00 4.89 -2.96
N GLU B 179 11.69 3.76 -3.08
CA GLU B 179 11.16 2.51 -2.57
C GLU B 179 11.03 2.47 -1.03
N SER B 180 12.00 3.03 -0.31
CA SER B 180 11.91 3.00 1.16
C SER B 180 10.79 3.93 1.64
N VAL B 181 10.67 5.10 1.01
CA VAL B 181 9.62 6.05 1.35
C VAL B 181 8.25 5.46 0.96
N HIS B 182 8.20 4.81 -0.20
CA HIS B 182 6.96 4.18 -0.66
C HIS B 182 6.51 3.12 0.34
N SER B 183 7.47 2.31 0.78
CA SER B 183 7.20 1.22 1.74
C SER B 183 6.79 1.80 3.09
N ALA B 184 7.40 2.91 3.49
CA ALA B 184 7.08 3.53 4.76
C ALA B 184 5.65 4.05 4.68
N ALA B 185 5.32 4.72 3.58
CA ALA B 185 3.97 5.25 3.40
C ALA B 185 2.94 4.13 3.43
N SER B 186 3.20 3.05 2.69
CA SER B 186 2.31 1.89 2.62
C SER B 186 2.15 1.21 3.97
N SER B 187 3.21 1.22 4.77
CA SER B 187 3.15 0.61 6.09
C SER B 187 2.16 1.42 6.93
N TRP B 188 2.33 2.74 6.93
CA TRP B 188 1.42 3.59 7.68
C TRP B 188 -0.01 3.38 7.19
N ALA B 189 -0.22 3.64 5.90
CA ALA B 189 -1.53 3.52 5.28
C ALA B 189 -2.25 2.20 5.55
N SER B 190 -1.51 1.09 5.54
CA SER B 190 -2.11 -0.23 5.77
C SER B 190 -2.24 -0.64 7.24
N THR B 191 -1.68 0.15 8.16
CA THR B 191 -1.75 -0.19 9.58
C THR B 191 -2.81 0.63 10.31
N ILE B 192 -2.66 1.95 10.32
CA ILE B 192 -3.64 2.79 10.99
C ILE B 192 -4.98 2.77 10.22
N ASP B 193 -6.03 3.26 10.89
CA ASP B 193 -7.35 3.31 10.29
C ASP B 193 -7.49 4.66 9.60
N VAL B 194 -6.93 4.74 8.40
CA VAL B 194 -6.96 5.95 7.59
C VAL B 194 -7.76 5.55 6.37
N ARG B 195 -8.56 6.47 5.84
CA ARG B 195 -9.37 6.13 4.69
C ARG B 195 -9.59 7.25 3.70
N TYR B 196 -10.02 6.85 2.51
CA TYR B 196 -10.26 7.79 1.42
C TYR B 196 -11.09 8.98 1.91
N ARG B 197 -10.61 10.17 1.58
CA ARG B 197 -11.26 11.44 1.92
C ARG B 197 -11.09 11.91 3.36
N ASP B 198 -10.38 11.14 4.20
CA ASP B 198 -10.15 11.58 5.58
C ASP B 198 -9.41 12.90 5.50
N ARG B 199 -9.56 13.72 6.53
CA ARG B 199 -8.87 15.00 6.57
C ARG B 199 -7.90 14.88 7.75
N LEU B 200 -6.62 15.08 7.45
CA LEU B 200 -5.57 14.91 8.46
C LEU B 200 -4.85 16.20 8.79
N LEU B 201 -4.82 16.54 10.07
CA LEU B 201 -4.17 17.77 10.51
C LEU B 201 -2.67 17.59 10.68
N LEU B 202 -1.90 18.47 10.07
CA LEU B 202 -0.45 18.42 10.18
C LEU B 202 0.03 19.72 10.80
N PRO B 203 0.40 19.67 12.10
CA PRO B 203 0.89 20.88 12.78
C PRO B 203 2.38 20.82 13.11
N LEU B 204 3.05 19.75 12.70
CA LEU B 204 4.49 19.59 12.96
C LEU B 204 5.31 20.00 11.75
N PRO B 205 6.56 20.47 11.97
CA PRO B 205 7.43 20.89 10.87
C PRO B 205 7.62 19.76 9.86
N MET B 206 7.63 20.13 8.56
CA MET B 206 7.75 19.16 7.48
C MET B 206 9.12 18.56 7.27
N PHE B 207 10.15 19.17 7.88
CA PHE B 207 11.49 18.64 7.72
C PHE B 207 11.72 17.42 8.61
N HIS B 208 10.68 16.99 9.31
CA HIS B 208 10.77 15.82 10.16
C HIS B 208 10.30 14.62 9.35
N VAL B 209 10.97 13.49 9.53
CA VAL B 209 10.61 12.28 8.80
C VAL B 209 9.14 11.94 8.94
N ALA B 210 8.63 11.99 10.17
CA ALA B 210 7.22 11.67 10.42
C ALA B 210 6.29 12.50 9.55
N ALA B 211 6.52 13.81 9.54
CA ALA B 211 5.71 14.75 8.78
C ALA B 211 5.78 14.40 7.30
N LEU B 212 7.01 14.29 6.80
CA LEU B 212 7.28 13.95 5.42
C LEU B 212 6.50 12.71 5.02
N THR B 213 6.66 11.63 5.78
CA THR B 213 5.96 10.39 5.47
C THR B 213 4.44 10.53 5.55
N THR B 214 3.96 11.42 6.40
CA THR B 214 2.53 11.64 6.56
C THR B 214 1.95 12.30 5.30
N VAL B 215 2.68 13.29 4.80
CA VAL B 215 2.30 14.00 3.59
C VAL B 215 2.18 13.00 2.44
N ILE B 216 3.14 12.08 2.39
CA ILE B 216 3.19 11.08 1.34
C ILE B 216 2.10 10.00 1.42
N PHE B 217 1.82 9.44 2.59
CA PHE B 217 0.76 8.45 2.59
C PHE B 217 -0.60 9.11 2.46
N SER B 218 -0.66 10.42 2.72
CA SER B 218 -1.92 11.16 2.58
C SER B 218 -2.30 11.13 1.10
N ALA B 219 -1.35 11.48 0.23
CA ALA B 219 -1.59 11.47 -1.21
C ALA B 219 -1.87 10.03 -1.66
N MET B 220 -1.11 9.09 -1.12
CA MET B 220 -1.27 7.67 -1.46
C MET B 220 -2.68 7.17 -1.23
N ARG B 221 -3.27 7.58 -0.11
CA ARG B 221 -4.61 7.14 0.26
C ARG B 221 -5.71 8.13 -0.14
N GLY B 222 -5.31 9.27 -0.70
CA GLY B 222 -6.28 10.28 -1.11
C GLY B 222 -6.87 10.95 0.10
N VAL B 223 -5.97 11.45 0.96
CA VAL B 223 -6.33 12.13 2.19
C VAL B 223 -6.15 13.64 2.00
N THR B 224 -7.05 14.43 2.57
CA THR B 224 -6.92 15.90 2.46
C THR B 224 -6.10 16.40 3.63
N LEU B 225 -5.00 17.08 3.32
CA LEU B 225 -4.14 17.63 4.35
C LEU B 225 -4.66 18.97 4.88
N ILE B 226 -4.82 19.05 6.20
CA ILE B 226 -5.25 20.28 6.84
C ILE B 226 -4.00 20.80 7.52
N SER B 227 -3.44 21.87 6.96
CA SER B 227 -2.18 22.41 7.47
C SER B 227 -2.23 23.58 8.43
N MET B 228 -1.39 23.49 9.46
CA MET B 228 -1.26 24.56 10.44
C MET B 228 0.24 24.84 10.50
N PRO B 229 0.76 25.65 9.57
CA PRO B 229 2.19 25.97 9.53
C PRO B 229 2.79 26.32 10.89
N GLN B 230 2.11 27.18 11.65
CA GLN B 230 2.60 27.55 12.97
C GLN B 230 1.67 27.00 14.04
N PHE B 231 2.13 25.99 14.77
CA PHE B 231 1.30 25.41 15.83
C PHE B 231 0.87 26.49 16.80
N ASP B 232 -0.43 26.53 17.09
CA ASP B 232 -1.00 27.52 17.98
C ASP B 232 -2.15 26.86 18.70
N ALA B 233 -1.92 26.44 19.95
CA ALA B 233 -2.95 25.76 20.74
C ALA B 233 -4.20 26.62 20.90
N THR B 234 -4.06 27.93 20.64
CA THR B 234 -5.18 28.86 20.75
C THR B 234 -6.20 28.63 19.65
N LYS B 235 -5.74 28.15 18.49
CA LYS B 235 -6.62 27.92 17.35
C LYS B 235 -6.73 26.48 16.86
N VAL B 236 -5.95 25.57 17.44
CA VAL B 236 -5.98 24.17 17.00
C VAL B 236 -7.35 23.53 17.03
N TRP B 237 -8.10 23.69 18.12
CA TRP B 237 -9.40 23.06 18.18
C TRP B 237 -10.44 23.65 17.21
N SER B 238 -10.32 24.93 16.93
CA SER B 238 -11.25 25.59 16.01
C SER B 238 -10.98 25.04 14.61
N LEU B 239 -9.71 24.99 14.25
CA LEU B 239 -9.28 24.47 12.97
C LEU B 239 -9.82 23.05 12.81
N ILE B 240 -9.52 22.20 13.79
CA ILE B 240 -9.95 20.81 13.78
C ILE B 240 -11.45 20.63 13.58
N VAL B 241 -12.24 21.46 14.24
CA VAL B 241 -13.69 21.38 14.13
C VAL B 241 -14.18 21.96 12.80
N GLU B 242 -13.69 23.15 12.47
CA GLU B 242 -14.07 23.83 11.23
C GLU B 242 -13.72 23.01 9.99
N GLU B 243 -12.49 22.51 9.92
CA GLU B 243 -12.08 21.72 8.76
C GLU B 243 -12.47 20.24 8.82
N ARG B 244 -13.26 19.88 9.82
CA ARG B 244 -13.73 18.52 9.96
C ARG B 244 -12.59 17.48 10.01
N VAL B 245 -11.51 17.80 10.70
CA VAL B 245 -10.37 16.89 10.80
C VAL B 245 -10.73 15.52 11.40
N CYS B 246 -10.25 14.46 10.74
CA CYS B 246 -10.51 13.09 11.19
C CYS B 246 -9.32 12.53 11.99
N ILE B 247 -8.12 12.87 11.52
CA ILE B 247 -6.88 12.40 12.12
C ILE B 247 -5.92 13.56 12.36
N GLY B 248 -5.16 13.48 13.44
CA GLY B 248 -4.22 14.54 13.73
C GLY B 248 -2.84 14.06 14.15
N GLY B 249 -1.82 14.70 13.59
CA GLY B 249 -0.45 14.37 13.93
C GLY B 249 -0.11 15.18 15.17
N ALA B 250 0.70 14.61 16.07
CA ALA B 250 1.08 15.31 17.28
C ALA B 250 2.15 14.60 18.09
N VAL B 251 2.59 15.25 19.15
CA VAL B 251 3.59 14.69 20.07
C VAL B 251 2.94 14.80 21.45
N PRO B 252 3.41 14.02 22.43
CA PRO B 252 2.80 14.12 23.77
C PRO B 252 2.75 15.53 24.33
N ALA B 253 3.83 16.29 24.14
CA ALA B 253 3.90 17.66 24.63
C ALA B 253 2.72 18.48 24.10
N ILE B 254 2.51 18.42 22.78
CA ILE B 254 1.42 19.14 22.13
C ILE B 254 0.06 18.72 22.67
N LEU B 255 -0.14 17.42 22.83
CA LEU B 255 -1.41 16.92 23.36
C LEU B 255 -1.62 17.37 24.79
N ASN B 256 -0.52 17.57 25.51
CA ASN B 256 -0.62 18.03 26.89
C ASN B 256 -1.17 19.45 26.89
N PHE B 257 -0.52 20.32 26.12
CA PHE B 257 -0.94 21.72 25.99
C PHE B 257 -2.39 21.85 25.55
N MET B 258 -2.72 21.17 24.46
CA MET B 258 -4.07 21.20 23.90
C MET B 258 -5.19 20.88 24.88
N ARG B 259 -4.93 20.06 25.89
CA ARG B 259 -5.99 19.74 26.84
C ARG B 259 -6.11 20.79 27.94
N GLN B 260 -5.25 21.81 27.87
CA GLN B 260 -5.26 22.88 28.87
C GLN B 260 -6.00 24.13 28.40
N VAL B 261 -6.24 24.22 27.09
CA VAL B 261 -6.95 25.37 26.52
C VAL B 261 -8.41 25.34 26.99
N PRO B 262 -9.02 26.52 27.21
CA PRO B 262 -10.41 26.60 27.66
C PRO B 262 -11.43 26.02 26.67
N GLU B 263 -10.99 25.77 25.44
CA GLU B 263 -11.87 25.23 24.42
C GLU B 263 -11.97 23.71 24.52
N PHE B 264 -11.03 23.11 25.26
CA PHE B 264 -11.02 21.68 25.45
C PHE B 264 -12.16 21.33 26.40
N ALA B 265 -12.49 22.29 27.25
CA ALA B 265 -13.56 22.13 28.24
C ALA B 265 -14.83 21.53 27.65
N GLU B 266 -15.40 22.21 26.66
CA GLU B 266 -16.63 21.72 26.02
C GLU B 266 -16.38 21.31 24.56
N LEU B 267 -15.18 20.83 24.29
CA LEU B 267 -14.80 20.40 22.95
C LEU B 267 -15.82 19.41 22.38
N ASP B 268 -16.27 19.67 21.15
CA ASP B 268 -17.24 18.79 20.49
C ASP B 268 -16.85 18.61 19.03
N ALA B 269 -15.94 17.67 18.79
CA ALA B 269 -15.46 17.41 17.43
C ALA B 269 -15.75 15.95 17.04
N PRO B 270 -16.98 15.68 16.58
CA PRO B 270 -17.45 14.36 16.16
C PRO B 270 -16.70 13.72 14.99
N ASP B 271 -16.09 14.54 14.14
CA ASP B 271 -15.36 14.01 13.00
C ASP B 271 -13.94 13.60 13.37
N PHE B 272 -13.47 14.04 14.54
CA PHE B 272 -12.12 13.69 14.94
C PHE B 272 -12.11 12.28 15.52
N ARG B 273 -11.27 11.41 14.97
CA ARG B 273 -11.18 10.04 15.46
C ARG B 273 -9.99 9.77 16.37
N TYR B 274 -8.80 10.19 15.97
CA TYR B 274 -7.61 9.95 16.78
C TYR B 274 -6.39 10.77 16.41
N PHE B 275 -5.48 10.90 17.37
CA PHE B 275 -4.23 11.61 17.16
C PHE B 275 -3.18 10.54 16.91
N ILE B 276 -2.13 10.89 16.18
CA ILE B 276 -1.03 9.97 15.93
C ILE B 276 0.18 10.59 16.63
N THR B 277 0.63 9.95 17.71
CA THR B 277 1.76 10.45 18.48
C THR B 277 3.07 9.70 18.24
N GLY B 278 4.17 10.45 18.14
CA GLY B 278 5.46 9.83 17.94
C GLY B 278 6.30 9.98 19.20
N GLY B 279 7.25 9.07 19.38
CA GLY B 279 8.13 9.14 20.54
C GLY B 279 7.56 8.74 21.89
N ALA B 280 8.12 9.34 22.95
CA ALA B 280 7.74 9.10 24.33
C ALA B 280 6.33 8.53 24.50
N PRO B 281 6.21 7.34 25.12
CA PRO B 281 4.90 6.73 25.32
C PRO B 281 3.97 7.71 26.02
N MET B 282 2.68 7.57 25.76
CA MET B 282 1.69 8.45 26.36
C MET B 282 1.43 8.07 27.81
N PRO B 283 1.53 9.06 28.72
CA PRO B 283 1.30 8.79 30.13
C PRO B 283 -0.16 8.38 30.34
N GLU B 284 -0.35 7.32 31.12
CA GLU B 284 -1.67 6.77 31.43
C GLU B 284 -2.79 7.80 31.61
N ALA B 285 -2.44 8.95 32.20
CA ALA B 285 -3.42 9.99 32.45
C ALA B 285 -3.89 10.74 31.20
N LEU B 286 -2.94 11.29 30.46
CA LEU B 286 -3.25 12.05 29.25
C LEU B 286 -4.13 11.27 28.29
N ILE B 287 -3.95 9.95 28.26
CA ILE B 287 -4.74 9.09 27.39
C ILE B 287 -6.19 9.04 27.88
N LYS B 288 -6.37 8.79 29.17
CA LYS B 288 -7.71 8.73 29.74
C LYS B 288 -8.44 10.05 29.50
N ILE B 289 -7.72 11.16 29.62
CA ILE B 289 -8.32 12.46 29.41
C ILE B 289 -8.93 12.59 28.01
N TYR B 290 -8.20 12.17 26.99
CA TYR B 290 -8.73 12.28 25.63
C TYR B 290 -9.83 11.25 25.38
N ALA B 291 -9.72 10.09 26.03
CA ALA B 291 -10.76 9.08 25.86
C ALA B 291 -12.08 9.68 26.31
N ALA B 292 -12.00 10.63 27.26
CA ALA B 292 -13.18 11.31 27.78
C ALA B 292 -13.87 12.14 26.71
N LYS B 293 -13.11 12.56 25.71
CA LYS B 293 -13.65 13.35 24.61
C LYS B 293 -13.91 12.49 23.39
N ASN B 294 -13.96 11.17 23.60
CA ASN B 294 -14.19 10.24 22.51
C ASN B 294 -13.08 10.44 21.47
N ILE B 295 -11.85 10.61 21.97
CA ILE B 295 -10.69 10.80 21.11
C ILE B 295 -9.64 9.77 21.44
N GLU B 296 -9.25 8.99 20.43
CA GLU B 296 -8.25 7.96 20.62
C GLU B 296 -6.86 8.43 20.27
N VAL B 297 -5.87 7.66 20.69
CA VAL B 297 -4.49 7.99 20.43
C VAL B 297 -3.72 6.79 19.90
N VAL B 298 -2.98 6.99 18.81
CA VAL B 298 -2.17 5.95 18.21
C VAL B 298 -0.72 6.42 18.44
N GLN B 299 0.08 5.57 19.05
CA GLN B 299 1.47 5.93 19.31
C GLN B 299 2.40 4.83 18.86
N GLY B 300 3.69 5.14 18.79
CA GLY B 300 4.61 4.12 18.36
C GLY B 300 6.07 4.49 18.42
N TYR B 301 6.89 3.54 17.98
CA TYR B 301 8.33 3.68 17.95
C TYR B 301 8.81 3.82 16.51
N ALA B 302 9.63 4.82 16.25
CA ALA B 302 10.15 5.04 14.90
C ALA B 302 11.40 5.89 14.94
N LEU B 303 12.28 5.64 13.97
CA LEU B 303 13.54 6.38 13.83
C LEU B 303 13.57 7.02 12.47
N THR B 304 14.46 7.98 12.28
CA THR B 304 14.60 8.63 11.00
C THR B 304 15.08 7.56 10.02
N GLU B 305 15.93 6.67 10.53
CA GLU B 305 16.49 5.54 9.76
C GLU B 305 15.43 4.59 9.24
N SER B 306 14.29 4.54 9.94
CA SER B 306 13.20 3.67 9.51
C SER B 306 12.12 4.50 8.86
N CYS B 307 12.51 5.67 8.37
CA CYS B 307 11.60 6.58 7.67
C CYS B 307 10.31 6.87 8.43
N GLY B 308 10.41 6.98 9.75
CA GLY B 308 9.24 7.25 10.55
C GLY B 308 8.37 6.04 10.77
N GLY B 309 8.89 4.86 10.43
CA GLY B 309 8.12 3.65 10.62
C GLY B 309 8.72 2.78 11.71
N GLY B 310 8.04 1.70 12.07
CA GLY B 310 8.56 0.83 13.10
C GLY B 310 7.43 0.04 13.74
N THR B 311 6.99 0.49 14.92
CA THR B 311 5.90 -0.19 15.63
C THR B 311 4.80 0.81 15.90
N LEU B 312 3.58 0.31 16.06
CA LEU B 312 2.44 1.15 16.33
C LEU B 312 1.56 0.48 17.39
N LEU B 313 1.15 1.24 18.40
CA LEU B 313 0.26 0.70 19.43
C LEU B 313 -1.11 1.25 19.05
N LEU B 314 -2.00 0.38 18.61
CA LEU B 314 -3.33 0.78 18.20
C LEU B 314 -4.16 1.34 19.35
N SER B 315 -5.01 2.31 19.04
CA SER B 315 -5.85 2.98 20.04
C SER B 315 -6.58 2.06 21.02
N GLU B 316 -6.86 0.83 20.63
CA GLU B 316 -7.56 -0.10 21.51
C GLU B 316 -6.68 -0.72 22.59
N ASP B 317 -5.36 -0.53 22.51
CA ASP B 317 -4.43 -1.08 23.49
C ASP B 317 -3.75 0.03 24.27
N ALA B 318 -3.97 1.27 23.84
CA ALA B 318 -3.38 2.44 24.47
C ALA B 318 -3.38 2.40 26.00
N LEU B 319 -4.46 1.88 26.57
CA LEU B 319 -4.59 1.81 28.02
C LEU B 319 -4.18 0.44 28.57
N ARG B 320 -4.58 -0.62 27.89
CA ARG B 320 -4.24 -1.98 28.31
C ARG B 320 -2.75 -2.26 28.28
N LYS B 321 -2.05 -1.65 27.34
CA LYS B 321 -0.61 -1.86 27.21
C LYS B 321 0.18 -0.58 27.39
N ALA B 322 -0.34 0.33 28.22
CA ALA B 322 0.33 1.59 28.48
C ALA B 322 1.82 1.35 28.72
N GLY B 323 2.65 2.20 28.13
CA GLY B 323 4.08 2.05 28.28
C GLY B 323 4.70 1.39 27.07
N SER B 324 3.91 0.61 26.34
CA SER B 324 4.37 -0.09 25.14
C SER B 324 4.42 0.78 23.89
N ALA B 325 5.41 0.50 23.03
CA ALA B 325 5.57 1.23 21.77
C ALA B 325 4.72 0.57 20.69
N GLY B 326 4.00 -0.48 21.07
CA GLY B 326 3.15 -1.20 20.13
C GLY B 326 3.81 -2.43 19.53
N ARG B 327 3.27 -2.88 18.40
CA ARG B 327 3.78 -4.05 17.69
C ARG B 327 4.21 -3.64 16.29
N ALA B 328 5.03 -4.48 15.67
CA ALA B 328 5.53 -4.22 14.32
C ALA B 328 4.37 -3.93 13.36
N THR B 329 4.53 -2.90 12.53
CA THR B 329 3.51 -2.53 11.56
C THR B 329 3.64 -3.37 10.29
N MET B 330 2.66 -3.23 9.40
CA MET B 330 2.65 -3.96 8.14
C MET B 330 3.95 -3.74 7.37
N PHE B 331 4.44 -4.79 6.74
CA PHE B 331 5.67 -4.72 5.94
C PHE B 331 6.88 -4.37 6.82
N THR B 332 6.79 -4.68 8.11
CA THR B 332 7.86 -4.39 9.06
C THR B 332 8.05 -5.54 10.05
N ASP B 333 9.29 -5.93 10.30
CA ASP B 333 9.56 -6.96 11.29
C ASP B 333 10.49 -6.31 12.31
N VAL B 334 10.23 -6.58 13.58
CA VAL B 334 11.03 -6.02 14.66
C VAL B 334 11.32 -7.13 15.66
N ALA B 335 12.57 -7.18 16.11
CA ALA B 335 13.00 -8.19 17.07
C ALA B 335 14.08 -7.63 18.00
N VAL B 336 14.66 -8.51 18.82
CA VAL B 336 15.72 -8.11 19.73
C VAL B 336 16.99 -8.93 19.54
N ARG B 337 18.10 -8.22 19.36
CA ARG B 337 19.40 -8.82 19.14
C ARG B 337 20.19 -8.87 20.45
N GLY B 338 20.35 -10.06 21.00
CA GLY B 338 21.10 -10.22 22.23
C GLY B 338 22.55 -9.84 21.96
N ASP B 339 23.32 -9.62 23.01
CA ASP B 339 24.73 -9.27 22.84
C ASP B 339 25.51 -10.45 22.26
N ASP B 340 24.88 -11.62 22.20
CA ASP B 340 25.49 -12.81 21.65
C ASP B 340 25.33 -12.83 20.13
N GLY B 341 24.68 -11.79 19.61
CA GLY B 341 24.49 -11.67 18.18
C GLY B 341 23.26 -12.37 17.64
N VAL B 342 22.62 -13.17 18.47
CA VAL B 342 21.43 -13.90 18.05
C VAL B 342 20.18 -13.03 18.14
N ILE B 343 19.37 -13.07 17.08
CA ILE B 343 18.15 -12.28 17.01
C ILE B 343 16.95 -13.15 17.36
N ARG B 344 16.16 -12.70 18.33
CA ARG B 344 14.98 -13.43 18.78
C ARG B 344 13.68 -12.62 18.69
N GLU B 345 12.56 -13.32 18.54
CA GLU B 345 11.25 -12.68 18.45
C GLU B 345 10.90 -11.99 19.75
N HIS B 346 10.98 -12.74 20.85
CA HIS B 346 10.65 -12.21 22.16
C HIS B 346 11.84 -12.18 23.09
N GLY B 347 11.68 -11.53 24.23
CA GLY B 347 12.75 -11.41 25.20
C GLY B 347 13.31 -10.00 25.20
N GLU B 348 14.41 -9.79 25.91
CA GLU B 348 15.04 -8.47 25.97
C GLU B 348 16.22 -8.45 25.00
N GLY B 349 16.79 -7.27 24.79
CA GLY B 349 17.93 -7.14 23.89
C GLY B 349 17.89 -5.82 23.13
N GLU B 350 18.77 -5.66 22.17
CA GLU B 350 18.78 -4.42 21.37
C GLU B 350 17.74 -4.54 20.27
N VAL B 351 16.85 -3.55 20.19
CA VAL B 351 15.82 -3.57 19.17
C VAL B 351 16.45 -3.51 17.78
N VAL B 352 15.99 -4.41 16.91
CA VAL B 352 16.47 -4.47 15.52
C VAL B 352 15.26 -4.52 14.62
N ILE B 353 15.41 -3.92 13.43
CA ILE B 353 14.36 -3.83 12.43
C ILE B 353 14.79 -4.39 11.08
N LYS B 354 13.88 -5.12 10.43
CA LYS B 354 14.13 -5.70 9.11
C LYS B 354 12.94 -5.26 8.27
N SER B 355 13.15 -4.30 7.39
CA SER B 355 12.05 -3.80 6.59
C SER B 355 12.52 -2.98 5.40
N ASP B 356 11.67 -2.89 4.37
CA ASP B 356 12.00 -2.10 3.18
C ASP B 356 11.86 -0.61 3.50
N ILE B 357 11.39 -0.27 4.70
CA ILE B 357 11.25 1.13 5.09
C ILE B 357 12.60 1.68 5.58
N LEU B 358 13.59 0.80 5.71
CA LEU B 358 14.91 1.22 6.19
C LEU B 358 15.72 2.06 5.22
N LEU B 359 16.65 2.83 5.77
CA LEU B 359 17.52 3.67 4.97
C LEU B 359 18.43 2.82 4.09
N LYS B 360 18.94 3.44 3.02
CA LYS B 360 19.85 2.72 2.14
C LYS B 360 21.24 2.79 2.73
N GLU B 361 21.58 3.95 3.27
CA GLU B 361 22.89 4.20 3.86
C GLU B 361 22.89 5.56 4.55
N TYR B 362 23.98 5.87 5.25
CA TYR B 362 24.14 7.18 5.84
C TYR B 362 24.95 7.88 4.77
N TRP B 363 24.63 9.12 4.49
CA TRP B 363 25.35 9.84 3.45
C TRP B 363 26.83 9.99 3.73
N ASN B 364 27.63 9.42 2.82
CA ASN B 364 29.09 9.48 2.89
C ASN B 364 29.66 9.17 4.28
N ARG B 365 29.17 8.07 4.86
CA ARG B 365 29.55 7.57 6.19
C ARG B 365 29.71 6.05 6.12
N PRO B 366 30.67 5.55 5.32
CA PRO B 366 30.87 4.09 5.16
C PRO B 366 30.88 3.27 6.46
N GLU B 367 31.73 3.65 7.41
CA GLU B 367 31.81 2.90 8.67
C GLU B 367 30.48 2.85 9.44
N ALA B 368 29.82 4.00 9.55
CA ALA B 368 28.55 4.07 10.27
C ALA B 368 27.46 3.22 9.60
N THR B 369 27.46 3.19 8.27
CA THR B 369 26.47 2.42 7.51
C THR B 369 26.71 0.93 7.70
N ARG B 370 27.97 0.55 7.65
CA ARG B 370 28.39 -0.83 7.82
C ARG B 370 28.02 -1.36 9.19
N ASP B 371 28.22 -0.54 10.21
CA ASP B 371 27.92 -0.95 11.58
C ASP B 371 26.43 -0.94 11.94
N ALA B 372 25.64 -0.20 11.19
CA ALA B 372 24.21 -0.11 11.46
C ALA B 372 23.45 -1.37 11.07
N PHE B 373 24.01 -2.15 10.15
CA PHE B 373 23.36 -3.37 9.71
C PHE B 373 24.07 -4.65 10.10
N ASP B 374 23.28 -5.62 10.55
CA ASP B 374 23.80 -6.93 10.94
C ASP B 374 23.01 -7.99 10.19
N ASN B 375 23.61 -8.46 9.09
CA ASN B 375 22.98 -9.47 8.25
C ASN B 375 21.51 -9.25 7.96
N GLY B 376 21.18 -8.05 7.46
CA GLY B 376 19.80 -7.76 7.12
C GLY B 376 19.01 -6.98 8.14
N TRP B 377 19.46 -6.97 9.39
CA TRP B 377 18.75 -6.24 10.43
C TRP B 377 19.44 -4.93 10.80
N PHE B 378 18.64 -3.87 10.93
CA PHE B 378 19.17 -2.56 11.32
C PHE B 378 19.24 -2.52 12.85
N ARG B 379 20.38 -2.09 13.38
CA ARG B 379 20.56 -2.00 14.83
C ARG B 379 20.24 -0.58 15.29
N THR B 380 19.21 -0.46 16.10
CA THR B 380 18.74 0.84 16.58
C THR B 380 19.58 1.51 17.64
N GLY B 381 20.29 0.73 18.44
CA GLY B 381 21.10 1.31 19.49
C GLY B 381 20.23 1.52 20.72
N ASP B 382 19.02 0.96 20.67
CA ASP B 382 18.07 1.05 21.77
C ASP B 382 17.84 -0.32 22.38
N ILE B 383 17.70 -0.36 23.70
CA ILE B 383 17.42 -1.59 24.40
C ILE B 383 15.92 -1.65 24.57
N GLY B 384 15.35 -2.84 24.38
CA GLY B 384 13.91 -2.99 24.51
C GLY B 384 13.53 -4.40 24.89
N GLU B 385 12.23 -4.59 25.10
CA GLU B 385 11.72 -5.90 25.47
C GLU B 385 10.45 -6.18 24.70
N ILE B 386 10.30 -7.43 24.26
CA ILE B 386 9.12 -7.81 23.51
C ILE B 386 8.42 -8.94 24.24
N ASP B 387 7.16 -8.71 24.65
CA ASP B 387 6.42 -9.73 25.37
C ASP B 387 5.76 -10.74 24.47
N ASP B 388 5.15 -11.76 25.08
CA ASP B 388 4.48 -12.83 24.35
C ASP B 388 3.54 -12.40 23.23
N GLU B 389 2.77 -11.34 23.46
CA GLU B 389 1.83 -10.84 22.44
C GLU B 389 2.55 -10.03 21.37
N GLY B 390 3.84 -9.82 21.55
CA GLY B 390 4.62 -9.05 20.60
C GLY B 390 4.70 -7.57 20.89
N TYR B 391 4.19 -7.14 22.04
CA TYR B 391 4.26 -5.72 22.36
C TYR B 391 5.66 -5.31 22.81
N LEU B 392 6.16 -4.26 22.17
CA LEU B 392 7.49 -3.74 22.46
C LEU B 392 7.48 -2.64 23.50
N TYR B 393 8.53 -2.61 24.31
CA TYR B 393 8.71 -1.60 25.34
C TYR B 393 10.14 -1.11 25.16
N ILE B 394 10.32 0.19 24.93
CA ILE B 394 11.66 0.73 24.74
C ILE B 394 12.24 1.13 26.09
N LYS B 395 13.56 1.04 26.21
CA LYS B 395 14.23 1.39 27.45
C LYS B 395 15.42 2.32 27.25
N ASP B 396 16.57 1.98 27.82
CA ASP B 396 17.77 2.81 27.71
C ASP B 396 18.51 2.65 26.38
#